data_4E4L
#
_entry.id   4E4L
#
_cell.length_a   42.837
_cell.length_b   171.759
_cell.length_c   87.821
_cell.angle_alpha   90.00
_cell.angle_beta   92.15
_cell.angle_gamma   90.00
#
_symmetry.space_group_name_H-M   'P 1 21 1'
#
loop_
_entity.id
_entity.type
_entity.pdbx_description
1 polymer 'Tyrosine-protein kinase JAK1'
2 non-polymer 1-[4-methyl-1-(methylsulfonyl)piperidin-4-yl]-1,6-dihydroimidazo[4,5-d]pyrrolo[2,3-b]pyridine
3 water water
#
_entity_poly.entity_id   1
_entity_poly.type   'polypeptide(L)'
_entity_poly.pdbx_seq_one_letter_code
;GDIVSEKKPATEVDPTHFEKRFLKRIRDLGEGHFGKVELCRYDPEGDNTGEQVAVKSLKPESGGNHIADLKKEIEILRNL
YHENIVKYKGICTEDGGNGIKLIMEFLPSGSLKEYLPKNKNKINLKQQLKYAVQICKGMDYLGSRQYVHRDLAARNVLVE
SEHQVKIGDFGLTKAIETDKE(PTR)(PTR)TVKDDRDSPVFWYAPECLMQSKFYIASDVWSFGVTLHELLTYCDSDSSP
MALFLKMIGPTHGQMTVTRLVNTLKEGKRLPCPPNCPDEVYQLMRKCWEFQPSNRTSFQNLIEGFEALLK
;
_entity_poly.pdbx_strand_id   A,B,E,D
#
# COMPACT_ATOMS: atom_id res chain seq x y z
N VAL A 13 57.55 -24.04 -8.49
CA VAL A 13 57.20 -22.68 -7.97
C VAL A 13 55.79 -22.27 -8.43
N ASP A 14 55.01 -21.70 -7.51
CA ASP A 14 53.65 -21.22 -7.83
C ASP A 14 53.69 -19.69 -7.99
N PRO A 15 53.45 -19.17 -9.20
CA PRO A 15 53.50 -17.71 -9.41
C PRO A 15 52.38 -16.93 -8.69
N THR A 16 51.32 -17.61 -8.25
CA THR A 16 50.26 -16.97 -7.48
C THR A 16 50.45 -17.10 -5.98
N HIS A 17 51.62 -17.56 -5.56
CA HIS A 17 51.94 -17.65 -4.15
C HIS A 17 52.90 -16.57 -3.77
N PHE A 18 52.43 -15.64 -2.95
CA PHE A 18 53.21 -14.48 -2.53
C PHE A 18 53.67 -14.70 -1.08
N GLU A 19 54.98 -14.59 -0.84
CA GLU A 19 55.53 -14.75 0.50
C GLU A 19 55.38 -13.47 1.33
N LYS A 20 54.88 -13.62 2.56
CA LYS A 20 54.62 -12.49 3.43
C LYS A 20 55.88 -11.66 3.69
N ARG A 21 57.01 -12.33 3.84
CA ARG A 21 58.29 -11.68 4.15
C ARG A 21 58.74 -10.66 3.12
N PHE A 22 58.34 -10.83 1.86
CA PHE A 22 58.74 -9.92 0.76
C PHE A 22 57.72 -8.82 0.44
N LEU A 23 56.58 -8.88 1.12
CA LEU A 23 55.43 -8.02 0.85
C LEU A 23 55.49 -6.73 1.67
N LYS A 24 55.98 -5.66 1.05
CA LYS A 24 56.27 -4.42 1.78
C LYS A 24 55.16 -3.36 1.69
N ARG A 25 54.59 -3.05 2.85
CA ARG A 25 53.51 -2.10 2.97
C ARG A 25 53.91 -0.67 2.61
N ILE A 26 53.10 -0.04 1.77
CA ILE A 26 53.34 1.36 1.37
C ILE A 26 52.27 2.27 1.96
N ARG A 27 51.03 2.15 1.51
CA ARG A 27 49.92 2.97 2.02
C ARG A 27 48.57 2.31 1.84
N ASP A 28 47.58 2.85 2.53
CA ASP A 28 46.20 2.37 2.42
C ASP A 28 45.54 2.84 1.11
N LEU A 29 44.83 1.91 0.47
CA LEU A 29 44.05 2.25 -0.72
C LEU A 29 42.57 2.40 -0.39
N GLY A 30 42.11 1.65 0.61
CA GLY A 30 40.80 1.87 1.14
C GLY A 30 40.48 0.83 2.19
N GLU A 31 39.35 1.02 2.86
CA GLU A 31 38.87 0.01 3.76
C GLU A 31 37.38 -0.04 3.90
N GLY A 32 36.93 -1.22 4.30
CA GLY A 32 35.63 -1.42 4.90
C GLY A 32 35.77 -1.53 6.42
N HIS A 33 34.74 -2.06 7.05
CA HIS A 33 34.78 -2.24 8.48
C HIS A 33 35.66 -3.40 8.86
N PHE A 34 35.63 -4.47 8.07
CA PHE A 34 36.38 -5.70 8.38
C PHE A 34 37.60 -6.03 7.51
N GLY A 35 37.74 -5.31 6.40
CA GLY A 35 38.86 -5.55 5.49
C GLY A 35 39.51 -4.25 5.08
N LYS A 36 40.76 -4.33 4.63
CA LYS A 36 41.49 -3.18 4.13
C LYS A 36 42.32 -3.57 2.93
N VAL A 37 42.48 -2.63 2.01
CA VAL A 37 43.37 -2.83 0.90
C VAL A 37 44.52 -1.83 1.01
N GLU A 38 45.72 -2.34 0.82
CA GLU A 38 46.93 -1.56 0.91
C GLU A 38 47.72 -1.73 -0.37
N LEU A 39 48.40 -0.65 -0.75
CA LEU A 39 49.42 -0.71 -1.79
C LEU A 39 50.65 -1.30 -1.13
N CYS A 40 51.22 -2.32 -1.75
CA CYS A 40 52.43 -2.97 -1.25
C CYS A 40 53.41 -3.14 -2.40
N ARG A 41 54.71 -3.24 -2.09
CA ARG A 41 55.70 -3.71 -3.07
C ARG A 41 56.04 -5.15 -2.73
N TYR A 42 55.96 -6.02 -3.70
CA TYR A 42 56.45 -7.39 -3.51
C TYR A 42 57.87 -7.39 -4.01
N ASP A 43 58.82 -7.47 -3.07
CA ASP A 43 60.23 -7.15 -3.30
C ASP A 43 61.15 -8.29 -2.82
N PRO A 44 61.06 -9.47 -3.46
CA PRO A 44 61.86 -10.64 -3.06
C PRO A 44 63.38 -10.48 -3.21
N GLU A 45 63.82 -9.60 -4.10
CA GLU A 45 65.24 -9.32 -4.31
C GLU A 45 65.74 -8.25 -3.33
N GLY A 46 64.81 -7.52 -2.71
CA GLY A 46 65.13 -6.60 -1.61
C GLY A 46 65.68 -5.24 -1.98
N ASP A 47 65.60 -4.87 -3.26
CA ASP A 47 66.27 -3.66 -3.77
C ASP A 47 65.29 -2.56 -4.24
N ASN A 48 64.02 -2.75 -3.91
CA ASN A 48 62.95 -1.84 -4.31
C ASN A 48 62.64 -1.85 -5.81
N THR A 49 62.95 -2.95 -6.49
CA THR A 49 62.63 -3.10 -7.92
C THR A 49 61.40 -3.97 -8.16
N GLY A 50 60.88 -4.58 -7.10
CA GLY A 50 59.78 -5.51 -7.23
C GLY A 50 58.46 -4.84 -7.61
N GLU A 51 57.50 -5.67 -7.98
CA GLU A 51 56.21 -5.21 -8.49
C GLU A 51 55.35 -4.55 -7.38
N GLN A 52 54.64 -3.49 -7.74
CA GLN A 52 53.59 -2.94 -6.87
C GLN A 52 52.31 -3.76 -7.02
N VAL A 53 51.67 -4.04 -5.89
CA VAL A 53 50.46 -4.85 -5.84
C VAL A 53 49.46 -4.27 -4.84
N ALA A 54 48.19 -4.58 -5.06
CA ALA A 54 47.13 -4.28 -4.11
C ALA A 54 46.80 -5.51 -3.23
N VAL A 55 46.88 -5.33 -1.92
CA VAL A 55 46.78 -6.42 -0.95
C VAL A 55 45.58 -6.24 -0.01
N LYS A 56 44.62 -7.17 -0.09
CA LYS A 56 43.46 -7.14 0.80
C LYS A 56 43.65 -8.09 1.97
N SER A 57 43.45 -7.54 3.17
CA SER A 57 43.64 -8.23 4.46
C SER A 57 42.47 -7.97 5.38
N LEU A 58 42.24 -8.86 6.34
CA LEU A 58 41.30 -8.61 7.42
C LEU A 58 41.94 -7.68 8.43
N LYS A 59 41.13 -6.82 9.04
CA LYS A 59 41.62 -5.91 10.10
C LYS A 59 41.76 -6.65 11.43
N HIS A 66 35.47 -13.62 10.10
CA HIS A 66 35.54 -12.96 8.79
C HIS A 66 36.39 -13.63 7.74
N ILE A 67 37.29 -14.52 8.15
CA ILE A 67 38.20 -15.22 7.24
C ILE A 67 37.45 -15.95 6.11
N ALA A 68 36.37 -16.62 6.46
CA ALA A 68 35.59 -17.36 5.46
C ALA A 68 35.08 -16.48 4.32
N ASP A 69 34.70 -15.26 4.64
CA ASP A 69 34.20 -14.32 3.64
C ASP A 69 35.28 -13.91 2.64
N LEU A 70 36.47 -13.63 3.12
CA LEU A 70 37.59 -13.26 2.26
C LEU A 70 37.99 -14.43 1.36
N LYS A 71 38.02 -15.63 1.92
CA LYS A 71 38.23 -16.84 1.14
C LYS A 71 37.21 -16.96 0.00
N LYS A 72 35.93 -16.70 0.27
CA LYS A 72 34.91 -16.72 -0.78
C LYS A 72 35.16 -15.63 -1.84
N GLU A 73 35.46 -14.41 -1.40
CA GLU A 73 35.83 -13.33 -2.33
C GLU A 73 37.00 -13.71 -3.26
N ILE A 74 38.04 -14.31 -2.70
CA ILE A 74 39.20 -14.79 -3.48
C ILE A 74 38.75 -15.78 -4.57
N GLU A 75 37.92 -16.72 -4.16
CA GLU A 75 37.46 -17.74 -5.06
C GLU A 75 36.57 -17.18 -6.20
N ILE A 76 35.74 -16.22 -5.88
CA ILE A 76 34.96 -15.49 -6.88
C ILE A 76 35.91 -14.78 -7.86
N LEU A 77 36.78 -13.92 -7.34
CA LEU A 77 37.64 -13.04 -8.18
C LEU A 77 38.64 -13.83 -9.06
N ARG A 78 39.28 -14.83 -8.48
CA ARG A 78 40.21 -15.76 -9.17
C ARG A 78 39.62 -16.34 -10.45
N ASN A 79 38.30 -16.48 -10.45
CA ASN A 79 37.57 -17.11 -11.53
C ASN A 79 36.78 -16.14 -12.39
N LEU A 80 36.92 -14.84 -12.17
CA LEU A 80 36.30 -13.86 -13.07
C LEU A 80 37.39 -13.43 -14.07
N TYR A 81 37.04 -13.44 -15.35
CA TYR A 81 37.95 -13.00 -16.43
C TYR A 81 37.20 -12.03 -17.34
N HIS A 82 37.48 -10.74 -17.18
CA HIS A 82 36.88 -9.70 -18.00
C HIS A 82 37.80 -8.52 -18.00
N GLU A 83 37.91 -7.82 -19.13
CA GLU A 83 38.83 -6.68 -19.20
C GLU A 83 38.42 -5.49 -18.33
N ASN A 84 37.16 -5.49 -17.89
CA ASN A 84 36.64 -4.44 -16.98
C ASN A 84 36.45 -4.93 -15.54
N ILE A 85 37.21 -5.97 -15.18
CA ILE A 85 37.21 -6.52 -13.84
C ILE A 85 38.67 -6.68 -13.46
N VAL A 86 39.00 -6.15 -12.29
CA VAL A 86 40.38 -6.10 -11.80
C VAL A 86 40.96 -7.51 -11.72
N LYS A 87 42.25 -7.62 -12.03
N LYS A 87 42.25 -7.62 -12.04
CA LYS A 87 42.91 -8.92 -12.11
CA LYS A 87 42.91 -8.92 -12.11
C LYS A 87 43.39 -9.45 -10.77
C LYS A 87 43.39 -9.44 -10.76
N TYR A 88 43.01 -10.69 -10.48
CA TYR A 88 43.57 -11.46 -9.39
C TYR A 88 45.02 -11.82 -9.74
N LYS A 89 45.93 -11.67 -8.79
CA LYS A 89 47.32 -12.12 -8.95
C LYS A 89 47.66 -13.33 -8.08
N GLY A 90 47.05 -13.42 -6.90
CA GLY A 90 47.41 -14.50 -6.02
C GLY A 90 46.96 -14.33 -4.59
N ILE A 91 47.55 -15.16 -3.72
CA ILE A 91 47.27 -15.14 -2.31
C ILE A 91 48.55 -15.14 -1.50
N CYS A 92 48.44 -14.72 -0.25
CA CYS A 92 49.52 -14.85 0.72
C CYS A 92 48.93 -15.57 1.93
N THR A 93 49.52 -16.69 2.34
CA THR A 93 48.94 -17.50 3.43
C THR A 93 49.91 -17.68 4.61
N GLY A 99 44.86 -18.01 8.17
CA GLY A 99 45.00 -16.63 7.72
C GLY A 99 45.38 -16.51 6.25
N ILE A 100 44.85 -15.48 5.57
CA ILE A 100 45.06 -15.33 4.13
C ILE A 100 44.95 -13.87 3.70
N LYS A 101 45.66 -13.52 2.62
CA LYS A 101 45.52 -12.21 1.96
C LYS A 101 45.29 -12.40 0.47
N LEU A 102 44.43 -11.56 -0.10
CA LEU A 102 44.21 -11.49 -1.54
C LEU A 102 45.17 -10.50 -2.22
N ILE A 103 45.86 -10.94 -3.27
CA ILE A 103 46.79 -10.08 -4.00
C ILE A 103 46.20 -9.80 -5.37
N MET A 104 46.01 -8.50 -5.66
CA MET A 104 45.48 -8.04 -6.94
C MET A 104 46.47 -7.13 -7.64
N GLU A 105 46.24 -6.93 -8.94
CA GLU A 105 46.96 -5.88 -9.66
C GLU A 105 46.67 -4.54 -9.03
N PHE A 106 47.70 -3.67 -9.00
CA PHE A 106 47.55 -2.27 -8.54
C PHE A 106 47.38 -1.34 -9.74
N LEU A 107 46.34 -0.52 -9.71
CA LEU A 107 46.10 0.44 -10.76
C LEU A 107 46.51 1.84 -10.23
N PRO A 108 47.67 2.36 -10.68
CA PRO A 108 48.24 3.59 -10.12
C PRO A 108 47.38 4.85 -10.28
N SER A 109 46.47 4.87 -11.26
CA SER A 109 45.56 6.01 -11.37
C SER A 109 44.46 6.01 -10.31
N GLY A 110 44.33 4.91 -9.56
CA GLY A 110 43.37 4.82 -8.48
C GLY A 110 41.94 4.60 -8.95
N SER A 111 41.00 4.93 -8.08
CA SER A 111 39.58 4.86 -8.42
C SER A 111 39.10 6.18 -9.06
N LEU A 112 37.88 6.17 -9.59
CA LEU A 112 37.24 7.38 -10.10
C LEU A 112 37.17 8.50 -9.03
N LYS A 113 37.11 8.10 -7.77
CA LYS A 113 37.15 9.03 -6.65
C LYS A 113 38.44 9.88 -6.61
N GLU A 114 39.58 9.29 -6.95
CA GLU A 114 40.85 10.03 -6.98
C GLU A 114 41.08 10.66 -8.34
N TYR A 115 40.66 9.95 -9.37
CA TYR A 115 41.05 10.29 -10.72
C TYR A 115 40.23 11.41 -11.33
N LEU A 116 38.91 11.34 -11.20
CA LEU A 116 38.02 12.30 -11.85
C LEU A 116 38.27 13.77 -11.43
N PRO A 117 38.36 14.05 -10.12
CA PRO A 117 38.61 15.43 -9.68
C PRO A 117 39.91 16.03 -10.17
N LYS A 118 40.92 15.18 -10.37
CA LYS A 118 42.24 15.60 -10.82
C LYS A 118 42.38 15.67 -12.35
N ASN A 119 41.39 15.17 -13.09
CA ASN A 119 41.51 15.02 -14.54
C ASN A 119 40.32 15.57 -15.36
N LYS A 120 39.49 16.40 -14.74
CA LYS A 120 38.34 17.03 -15.42
C LYS A 120 38.65 17.56 -16.81
N ASN A 121 39.77 18.29 -16.95
CA ASN A 121 40.18 18.91 -18.22
C ASN A 121 40.39 17.87 -19.32
N LYS A 122 40.75 16.67 -18.88
CA LYS A 122 41.08 15.55 -19.75
C LYS A 122 39.83 14.74 -20.14
N ILE A 123 38.81 14.71 -19.29
CA ILE A 123 37.70 13.73 -19.39
C ILE A 123 36.34 14.39 -19.73
N ASN A 124 35.91 14.27 -20.98
CA ASN A 124 34.66 14.88 -21.43
C ASN A 124 33.51 13.88 -21.41
N LEU A 125 32.31 14.34 -21.78
CA LEU A 125 31.11 13.52 -21.66
C LEU A 125 31.25 12.19 -22.41
N LYS A 126 31.79 12.24 -23.63
CA LYS A 126 32.01 11.04 -24.44
C LYS A 126 32.85 9.93 -23.73
N GLN A 127 33.93 10.34 -23.09
CA GLN A 127 34.77 9.42 -22.32
C GLN A 127 34.02 8.90 -21.08
N GLN A 128 33.26 9.77 -20.44
CA GLN A 128 32.39 9.40 -19.31
C GLN A 128 31.42 8.30 -19.74
N LEU A 129 30.77 8.47 -20.90
CA LEU A 129 29.84 7.47 -21.39
C LEU A 129 30.56 6.16 -21.76
N LYS A 130 31.79 6.26 -22.26
CA LYS A 130 32.60 5.06 -22.50
C LYS A 130 32.91 4.32 -21.21
N TYR A 131 33.23 5.05 -20.14
CA TYR A 131 33.42 4.41 -18.84
C TYR A 131 32.14 3.72 -18.36
N ALA A 132 31.01 4.39 -18.53
CA ALA A 132 29.68 3.87 -18.17
C ALA A 132 29.39 2.53 -18.86
N VAL A 133 29.61 2.48 -20.17
CA VAL A 133 29.48 1.24 -20.94
C VAL A 133 30.38 0.12 -20.40
N GLN A 134 31.62 0.47 -20.11
CA GLN A 134 32.57 -0.51 -19.54
C GLN A 134 32.14 -1.07 -18.18
N ILE A 135 31.68 -0.19 -17.29
CA ILE A 135 31.15 -0.63 -16.01
C ILE A 135 29.99 -1.61 -16.26
N CYS A 136 29.09 -1.25 -17.19
CA CYS A 136 27.92 -2.08 -17.50
C CYS A 136 28.30 -3.46 -18.03
N LYS A 137 29.34 -3.49 -18.86
CA LYS A 137 29.84 -4.72 -19.44
C LYS A 137 30.42 -5.62 -18.36
N GLY A 138 31.19 -5.01 -17.46
CA GLY A 138 31.75 -5.71 -16.30
C GLY A 138 30.65 -6.32 -15.44
N MET A 139 29.66 -5.50 -15.13
CA MET A 139 28.48 -5.92 -14.38
C MET A 139 27.63 -6.98 -15.08
N ASP A 140 27.43 -6.86 -16.39
CA ASP A 140 26.65 -7.88 -17.07
C ASP A 140 27.37 -9.20 -17.11
N TYR A 141 28.70 -9.16 -17.15
CA TYR A 141 29.50 -10.38 -17.05
C TYR A 141 29.27 -11.04 -15.68
N LEU A 142 29.34 -10.23 -14.62
CA LEU A 142 29.11 -10.67 -13.24
C LEU A 142 27.70 -11.31 -13.05
N GLY A 143 26.68 -10.66 -13.58
CA GLY A 143 25.30 -11.14 -13.51
C GLY A 143 25.07 -12.46 -14.22
N SER A 144 25.70 -12.63 -15.39
CA SER A 144 25.69 -13.89 -16.13
C SER A 144 26.37 -15.05 -15.37
N ARG A 145 27.27 -14.72 -14.44
N ARG A 145 27.27 -14.72 -14.44
CA ARG A 145 27.84 -15.71 -13.54
CA ARG A 145 27.85 -15.71 -13.52
C ARG A 145 27.00 -15.88 -12.27
C ARG A 145 26.99 -15.90 -12.27
N GLN A 146 25.79 -15.32 -12.28
CA GLN A 146 24.81 -15.43 -11.18
C GLN A 146 25.21 -14.76 -9.86
N TYR A 147 25.94 -13.63 -9.97
CA TYR A 147 26.39 -12.88 -8.81
C TYR A 147 25.68 -11.54 -8.69
N VAL A 148 25.40 -11.16 -7.46
CA VAL A 148 25.05 -9.79 -7.14
C VAL A 148 26.23 -9.12 -6.43
N HIS A 149 26.53 -7.89 -6.84
CA HIS A 149 27.72 -7.18 -6.35
C HIS A 149 27.51 -6.49 -5.02
N ARG A 150 26.46 -5.69 -4.92
CA ARG A 150 25.98 -5.10 -3.65
C ARG A 150 26.78 -3.89 -3.13
N ASP A 151 27.78 -3.45 -3.88
CA ASP A 151 28.62 -2.35 -3.42
C ASP A 151 29.16 -1.54 -4.60
N LEU A 152 28.36 -1.40 -5.65
CA LEU A 152 28.81 -0.65 -6.83
C LEU A 152 28.77 0.87 -6.53
N ALA A 153 29.93 1.50 -6.65
CA ALA A 153 30.11 2.94 -6.35
C ALA A 153 31.42 3.35 -7.00
N ALA A 154 31.57 4.65 -7.19
CA ALA A 154 32.68 5.21 -7.94
C ALA A 154 33.99 4.88 -7.26
N ARG A 155 33.99 4.85 -5.93
CA ARG A 155 35.19 4.50 -5.19
C ARG A 155 35.69 3.06 -5.47
N ASN A 156 34.84 2.20 -6.00
CA ASN A 156 35.22 0.81 -6.36
C ASN A 156 35.47 0.59 -7.84
N VAL A 157 35.44 1.68 -8.60
CA VAL A 157 35.73 1.63 -10.04
C VAL A 157 37.11 2.21 -10.27
N LEU A 158 38.00 1.36 -10.80
CA LEU A 158 39.39 1.70 -11.02
C LEU A 158 39.61 2.22 -12.41
N VAL A 159 40.59 3.10 -12.54
CA VAL A 159 41.04 3.65 -13.83
C VAL A 159 42.33 2.96 -14.27
N GLU A 160 42.24 2.14 -15.31
CA GLU A 160 43.38 1.43 -15.87
C GLU A 160 44.21 2.37 -16.75
N SER A 161 43.49 3.18 -17.53
CA SER A 161 44.07 4.22 -18.37
C SER A 161 43.01 5.28 -18.60
N GLU A 162 43.32 6.31 -19.37
CA GLU A 162 42.31 7.32 -19.73
C GLU A 162 41.12 6.71 -20.50
N HIS A 163 41.35 5.56 -21.14
CA HIS A 163 40.35 4.93 -21.99
C HIS A 163 39.74 3.66 -21.43
N GLN A 164 40.12 3.25 -20.21
CA GLN A 164 39.62 1.99 -19.62
C GLN A 164 39.46 2.02 -18.10
N VAL A 165 38.33 1.50 -17.62
CA VAL A 165 38.09 1.32 -16.18
C VAL A 165 37.84 -0.15 -15.86
N LYS A 166 37.94 -0.49 -14.57
CA LYS A 166 37.70 -1.86 -14.07
C LYS A 166 36.95 -1.81 -12.74
N ILE A 167 36.02 -2.73 -12.56
CA ILE A 167 35.43 -2.95 -11.24
C ILE A 167 36.56 -3.53 -10.37
N GLY A 168 36.79 -2.89 -9.23
CA GLY A 168 38.02 -3.08 -8.44
C GLY A 168 37.90 -3.72 -7.08
N ASP A 169 36.68 -4.10 -6.70
CA ASP A 169 36.43 -4.72 -5.38
C ASP A 169 35.17 -5.56 -5.41
N PHE A 170 35.25 -6.70 -4.71
CA PHE A 170 34.17 -7.68 -4.68
C PHE A 170 33.87 -8.17 -3.26
N GLY A 171 34.09 -7.30 -2.29
CA GLY A 171 33.92 -7.64 -0.87
C GLY A 171 32.52 -8.05 -0.42
N LEU A 172 31.49 -7.54 -1.08
CA LEU A 172 30.10 -7.89 -0.75
C LEU A 172 29.46 -8.81 -1.78
N THR A 173 30.20 -9.21 -2.80
CA THR A 173 29.64 -10.00 -3.87
C THR A 173 29.12 -11.36 -3.35
N LYS A 174 27.90 -11.70 -3.75
CA LYS A 174 27.22 -12.94 -3.34
C LYS A 174 26.64 -13.69 -4.55
N ALA A 175 26.67 -15.01 -4.48
CA ALA A 175 26.02 -15.86 -5.47
C ALA A 175 24.51 -15.83 -5.23
N ILE A 176 23.74 -15.69 -6.29
CA ILE A 176 22.30 -15.91 -6.26
C ILE A 176 22.06 -17.41 -6.53
N GLU A 177 21.33 -18.07 -5.66
CA GLU A 177 20.92 -19.47 -5.86
C GLU A 177 20.15 -19.66 -7.19
N THR A 178 20.51 -20.72 -7.93
CA THR A 178 19.84 -21.07 -9.20
C THR A 178 18.32 -21.16 -9.00
N ASP A 179 17.57 -20.67 -9.99
CA ASP A 179 16.10 -20.58 -9.94
C ASP A 179 15.54 -19.76 -8.74
N LYS A 180 16.38 -18.90 -8.17
CA LYS A 180 15.96 -17.83 -7.24
C LYS A 180 16.41 -16.53 -7.88
N GLU A 181 15.69 -15.44 -7.63
CA GLU A 181 16.01 -14.14 -8.24
C GLU A 181 16.83 -13.22 -7.35
N THR A 184 19.17 -12.94 0.05
CA THR A 184 18.70 -12.33 1.30
C THR A 184 19.87 -12.03 2.23
N VAL A 185 20.06 -10.74 2.54
CA VAL A 185 21.19 -10.31 3.35
C VAL A 185 20.86 -10.42 4.82
N LYS A 186 21.85 -10.82 5.61
CA LYS A 186 21.74 -10.91 7.06
C LYS A 186 22.58 -9.82 7.73
N ASP A 187 23.85 -9.75 7.38
CA ASP A 187 24.72 -8.70 7.90
C ASP A 187 24.53 -7.43 7.05
N ASP A 188 23.92 -6.41 7.64
CA ASP A 188 23.62 -5.18 6.89
C ASP A 188 23.99 -3.85 7.60
N ARG A 189 24.62 -3.95 8.79
CA ARG A 189 25.14 -2.80 9.57
C ARG A 189 25.71 -1.67 8.72
N ASP A 190 26.58 -2.04 7.79
CA ASP A 190 27.39 -1.06 7.07
C ASP A 190 26.99 -0.94 5.60
N SER A 191 25.71 -1.19 5.32
CA SER A 191 25.14 -1.03 3.97
C SER A 191 25.37 0.39 3.44
N PRO A 192 25.82 0.51 2.16
CA PRO A 192 25.92 1.84 1.54
C PRO A 192 24.54 2.33 1.12
N VAL A 193 23.77 2.78 2.10
CA VAL A 193 22.34 3.03 1.90
C VAL A 193 22.00 4.01 0.80
N PHE A 194 22.87 5.02 0.60
CA PHE A 194 22.59 6.06 -0.38
C PHE A 194 22.83 5.59 -1.83
N TRP A 195 23.33 4.37 -1.97
CA TRP A 195 23.46 3.74 -3.27
C TRP A 195 22.48 2.59 -3.43
N TYR A 196 21.56 2.41 -2.50
CA TYR A 196 20.75 1.17 -2.43
C TYR A 196 19.28 1.33 -2.88
N ALA A 197 18.79 0.33 -3.59
CA ALA A 197 17.40 0.31 -4.06
C ALA A 197 16.43 0.11 -2.89
N PRO A 198 15.19 0.58 -3.03
CA PRO A 198 14.22 0.48 -1.94
C PRO A 198 14.04 -0.95 -1.37
N GLU A 199 14.00 -1.96 -2.23
CA GLU A 199 13.87 -3.36 -1.75
C GLU A 199 15.04 -3.79 -0.85
N CYS A 200 16.24 -3.25 -1.09
CA CYS A 200 17.39 -3.56 -0.23
C CYS A 200 17.27 -2.87 1.11
N LEU A 201 16.72 -1.66 1.09
CA LEU A 201 16.55 -0.87 2.30
C LEU A 201 15.41 -1.42 3.15
N MET A 202 14.33 -1.80 2.50
CA MET A 202 13.09 -2.22 3.17
C MET A 202 13.08 -3.69 3.59
N GLN A 203 13.64 -4.57 2.75
CA GLN A 203 13.51 -6.03 2.95
C GLN A 203 14.79 -6.85 2.91
N SER A 204 15.93 -6.20 2.66
CA SER A 204 17.23 -6.90 2.63
C SER A 204 17.26 -8.02 1.58
N LYS A 205 16.50 -7.84 0.51
CA LYS A 205 16.53 -8.73 -0.63
C LYS A 205 17.34 -8.04 -1.72
N PHE A 206 18.32 -8.74 -2.26
CA PHE A 206 19.23 -8.18 -3.25
C PHE A 206 19.15 -8.87 -4.62
N TYR A 207 18.69 -8.11 -5.63
CA TYR A 207 18.49 -8.60 -6.99
C TYR A 207 19.59 -8.06 -7.91
N ILE A 208 19.73 -8.64 -9.11
CA ILE A 208 20.56 -8.01 -10.14
C ILE A 208 20.04 -6.60 -10.41
N ALA A 209 18.72 -6.44 -10.40
CA ALA A 209 18.10 -5.12 -10.55
C ALA A 209 18.54 -4.14 -9.48
N SER A 210 18.93 -4.65 -8.31
CA SER A 210 19.41 -3.82 -7.23
C SER A 210 20.80 -3.26 -7.56
N ASP A 211 21.63 -4.08 -8.22
CA ASP A 211 22.89 -3.63 -8.79
C ASP A 211 22.66 -2.56 -9.89
N VAL A 212 21.58 -2.67 -10.65
CA VAL A 212 21.28 -1.66 -11.67
C VAL A 212 21.01 -0.29 -11.04
N TRP A 213 20.20 -0.26 -9.99
CA TRP A 213 19.97 0.95 -9.19
C TRP A 213 21.29 1.60 -8.76
N SER A 214 22.15 0.79 -8.17
N SER A 214 22.16 0.78 -8.19
CA SER A 214 23.48 1.23 -7.70
CA SER A 214 23.46 1.24 -7.72
C SER A 214 24.32 1.80 -8.85
C SER A 214 24.34 1.78 -8.84
N PHE A 215 24.25 1.15 -10.01
CA PHE A 215 24.93 1.67 -11.18
C PHE A 215 24.43 3.08 -11.57
N GLY A 216 23.12 3.28 -11.51
CA GLY A 216 22.54 4.62 -11.73
C GLY A 216 23.14 5.70 -10.82
N VAL A 217 23.28 5.38 -9.54
CA VAL A 217 23.94 6.28 -8.58
C VAL A 217 25.42 6.46 -8.96
N THR A 218 26.10 5.36 -9.28
CA THR A 218 27.51 5.41 -9.64
C THR A 218 27.70 6.32 -10.87
N LEU A 219 26.75 6.26 -11.80
CA LEU A 219 26.77 7.07 -13.00
C LEU A 219 26.62 8.56 -12.64
N HIS A 220 25.73 8.85 -11.70
CA HIS A 220 25.62 10.22 -11.18
C HIS A 220 26.96 10.75 -10.65
N GLU A 221 27.67 9.94 -9.86
CA GLU A 221 29.04 10.25 -9.41
C GLU A 221 30.02 10.54 -10.54
N LEU A 222 29.97 9.70 -11.58
CA LEU A 222 30.86 9.85 -12.72
C LEU A 222 30.59 11.19 -13.39
N LEU A 223 29.30 11.50 -13.59
CA LEU A 223 28.88 12.75 -14.20
C LEU A 223 29.18 14.02 -13.37
N THR A 224 29.37 13.87 -12.06
CA THR A 224 29.75 14.98 -11.17
C THR A 224 31.25 14.95 -10.84
N TYR A 225 31.99 14.12 -11.56
CA TYR A 225 33.41 13.96 -11.36
C TYR A 225 33.76 13.67 -9.90
N CYS A 226 32.91 12.92 -9.21
CA CYS A 226 33.16 12.52 -7.83
C CYS A 226 33.44 13.67 -6.87
N ASP A 227 32.83 14.82 -7.15
CA ASP A 227 32.94 15.99 -6.27
C ASP A 227 32.24 15.67 -4.95
N SER A 228 32.95 15.84 -3.84
CA SER A 228 32.42 15.50 -2.52
C SER A 228 31.09 16.22 -2.23
N ASP A 229 30.99 17.47 -2.64
CA ASP A 229 29.77 18.25 -2.42
C ASP A 229 28.57 17.86 -3.29
N SER A 230 28.82 17.05 -4.31
CA SER A 230 27.74 16.53 -5.16
C SER A 230 27.51 15.03 -4.96
N SER A 231 28.10 14.47 -3.91
CA SER A 231 28.03 13.05 -3.69
C SER A 231 26.62 12.61 -3.36
N PRO A 232 26.31 11.35 -3.63
CA PRO A 232 24.97 10.85 -3.35
C PRO A 232 24.56 11.04 -1.89
N MET A 233 25.49 10.84 -0.98
CA MET A 233 25.23 11.05 0.44
C MET A 233 24.97 12.53 0.78
N ALA A 234 25.88 13.41 0.38
CA ALA A 234 25.70 14.85 0.63
C ALA A 234 24.38 15.34 0.07
N LEU A 235 24.03 14.88 -1.12
CA LEU A 235 22.82 15.32 -1.81
C LEU A 235 21.52 14.78 -1.18
N PHE A 236 21.49 13.48 -0.90
CA PHE A 236 20.31 12.88 -0.24
C PHE A 236 20.04 13.49 1.14
N LEU A 237 21.10 13.67 1.92
CA LEU A 237 21.01 14.25 3.25
C LEU A 237 20.53 15.70 3.22
N LYS A 238 20.82 16.42 2.14
CA LYS A 238 20.21 17.72 1.87
C LYS A 238 18.71 17.56 1.62
N MET A 239 18.34 16.52 0.86
CA MET A 239 16.93 16.28 0.52
C MET A 239 16.10 15.87 1.73
N ILE A 240 16.62 14.92 2.53
CA ILE A 240 15.86 14.32 3.63
C ILE A 240 16.17 14.92 5.01
N GLY A 241 17.27 15.66 5.12
CA GLY A 241 17.71 16.23 6.40
C GLY A 241 18.88 15.44 6.99
N PRO A 242 19.95 16.12 7.44
CA PRO A 242 21.14 15.41 7.93
C PRO A 242 21.14 15.01 9.41
N THR A 243 20.09 15.37 10.14
CA THR A 243 20.10 15.22 11.59
C THR A 243 19.06 14.21 12.11
N HIS A 244 18.80 13.15 11.34
CA HIS A 244 17.78 12.16 11.70
C HIS A 244 18.30 10.89 12.34
N GLY A 245 19.62 10.72 12.40
CA GLY A 245 20.24 9.58 13.09
C GLY A 245 19.73 8.21 12.64
N GLN A 246 19.22 7.42 13.57
CA GLN A 246 18.71 6.07 13.28
C GLN A 246 17.47 6.06 12.36
N MET A 247 16.81 7.21 12.21
CA MET A 247 15.65 7.36 11.31
C MET A 247 16.00 7.75 9.87
N THR A 248 17.30 7.83 9.57
CA THR A 248 17.77 8.25 8.24
C THR A 248 17.26 7.34 7.12
N VAL A 249 17.43 6.03 7.28
CA VAL A 249 17.00 5.06 6.27
C VAL A 249 15.49 5.04 6.03
N THR A 250 14.68 5.15 7.08
CA THR A 250 13.22 5.21 6.90
C THR A 250 12.86 6.46 6.11
N ARG A 251 13.47 7.58 6.44
CA ARG A 251 13.22 8.84 5.72
C ARG A 251 13.70 8.79 4.27
N LEU A 252 14.81 8.10 4.05
CA LEU A 252 15.30 7.84 2.69
C LEU A 252 14.24 7.06 1.89
N VAL A 253 13.86 5.90 2.42
CA VAL A 253 12.81 5.08 1.81
C VAL A 253 11.54 5.89 1.50
N ASN A 254 11.10 6.67 2.48
CA ASN A 254 9.92 7.49 2.32
C ASN A 254 10.07 8.48 1.18
N THR A 255 11.20 9.20 1.17
CA THR A 255 11.50 10.15 0.08
C THR A 255 11.51 9.47 -1.29
N LEU A 256 12.01 8.23 -1.34
CA LEU A 256 12.04 7.45 -2.59
C LEU A 256 10.63 6.96 -2.97
N LYS A 257 9.84 6.58 -1.96
CA LYS A 257 8.43 6.22 -2.19
C LYS A 257 7.67 7.36 -2.84
N GLU A 258 7.96 8.59 -2.40
CA GLU A 258 7.33 9.80 -2.95
C GLU A 258 7.77 10.11 -4.38
N GLY A 259 8.82 9.45 -4.84
CA GLY A 259 9.28 9.57 -6.21
C GLY A 259 10.38 10.60 -6.40
N LYS A 260 11.03 11.01 -5.32
CA LYS A 260 12.12 11.97 -5.41
C LYS A 260 13.43 11.24 -5.72
N ARG A 261 14.22 11.83 -6.61
CA ARG A 261 15.48 11.22 -7.05
C ARG A 261 16.60 12.25 -7.06
N LEU A 262 17.84 11.78 -7.14
CA LEU A 262 18.99 12.65 -7.31
C LEU A 262 18.77 13.50 -8.56
N PRO A 263 19.11 14.80 -8.52
CA PRO A 263 18.83 15.70 -9.63
C PRO A 263 19.84 15.56 -10.76
N CYS A 264 19.49 16.09 -11.92
CA CYS A 264 20.36 16.04 -13.07
C CYS A 264 21.72 16.72 -12.78
N PRO A 265 22.84 16.02 -13.03
CA PRO A 265 24.11 16.71 -12.84
C PRO A 265 24.24 17.88 -13.79
N PRO A 266 25.00 18.91 -13.40
CA PRO A 266 25.31 20.00 -14.32
C PRO A 266 25.91 19.47 -15.62
N ASN A 267 25.48 20.05 -16.74
CA ASN A 267 26.00 19.72 -18.07
C ASN A 267 25.66 18.32 -18.60
N CYS A 268 24.80 17.60 -17.89
CA CYS A 268 24.39 16.27 -18.32
C CYS A 268 23.14 16.38 -19.20
N PRO A 269 23.21 15.91 -20.46
CA PRO A 269 22.05 15.93 -21.35
C PRO A 269 20.87 15.12 -20.82
N ASP A 270 19.65 15.57 -21.12
CA ASP A 270 18.46 14.91 -20.60
C ASP A 270 18.38 13.44 -21.03
N GLU A 271 18.87 13.13 -22.22
CA GLU A 271 18.92 11.73 -22.69
C GLU A 271 19.83 10.82 -21.85
N VAL A 272 20.95 11.34 -21.35
CA VAL A 272 21.77 10.61 -20.38
C VAL A 272 21.02 10.53 -19.05
N TYR A 273 20.43 11.64 -18.62
CA TYR A 273 19.70 11.68 -17.34
C TYR A 273 18.52 10.71 -17.34
N GLN A 274 17.86 10.57 -18.48
CA GLN A 274 16.72 9.64 -18.59
C GLN A 274 17.18 8.18 -18.44
N LEU A 275 18.29 7.81 -19.07
CA LEU A 275 18.86 6.45 -18.87
C LEU A 275 19.12 6.17 -17.39
N MET A 276 19.66 7.18 -16.72
CA MET A 276 19.90 7.17 -15.27
C MET A 276 18.61 6.95 -14.46
N ARG A 277 17.57 7.68 -14.83
CA ARG A 277 16.26 7.55 -14.18
C ARG A 277 15.63 6.15 -14.32
N LYS A 278 15.82 5.48 -15.46
CA LYS A 278 15.34 4.11 -15.64
C LYS A 278 16.05 3.11 -14.70
N CYS A 279 17.24 3.47 -14.21
CA CYS A 279 17.93 2.70 -13.16
C CYS A 279 17.23 2.82 -11.82
N TRP A 280 16.43 3.88 -11.65
CA TRP A 280 15.84 4.19 -10.37
C TRP A 280 14.34 4.00 -10.28
N GLU A 281 13.78 3.13 -11.12
CA GLU A 281 12.37 2.76 -10.98
C GLU A 281 12.20 2.10 -9.64
N PHE A 282 11.07 2.36 -8.97
CA PHE A 282 10.88 1.89 -7.60
C PHE A 282 10.82 0.37 -7.50
N GLN A 283 10.03 -0.24 -8.39
CA GLN A 283 9.93 -1.71 -8.47
C GLN A 283 11.09 -2.27 -9.26
N PRO A 284 11.81 -3.27 -8.70
CA PRO A 284 12.91 -3.92 -9.42
C PRO A 284 12.51 -4.42 -10.80
N SER A 285 11.31 -5.00 -10.90
CA SER A 285 10.78 -5.56 -12.16
C SER A 285 10.66 -4.56 -13.29
N ASN A 286 10.49 -3.29 -12.95
CA ASN A 286 10.34 -2.21 -13.92
C ASN A 286 11.65 -1.49 -14.28
N ARG A 287 12.77 -1.92 -13.67
CA ARG A 287 14.06 -1.28 -13.98
C ARG A 287 14.66 -1.73 -15.30
N THR A 288 15.47 -0.84 -15.87
CA THR A 288 16.26 -1.17 -17.04
C THR A 288 17.27 -2.26 -16.62
N SER A 289 17.95 -2.83 -17.60
CA SER A 289 18.95 -3.88 -17.36
C SER A 289 20.30 -3.37 -17.83
N PHE A 290 21.37 -4.13 -17.58
CA PHE A 290 22.72 -3.71 -18.03
C PHE A 290 22.85 -3.82 -19.55
N GLN A 291 22.19 -4.80 -20.13
CA GLN A 291 22.12 -4.93 -21.59
C GLN A 291 21.48 -3.70 -22.24
N ASN A 292 20.34 -3.28 -21.70
CA ASN A 292 19.62 -2.12 -22.23
C ASN A 292 20.40 -0.82 -22.07
N LEU A 293 21.08 -0.66 -20.93
CA LEU A 293 21.96 0.50 -20.71
C LEU A 293 23.09 0.55 -21.73
N ILE A 294 23.70 -0.60 -22.00
CA ILE A 294 24.80 -0.67 -22.99
C ILE A 294 24.31 -0.26 -24.38
N GLU A 295 23.16 -0.78 -24.78
CA GLU A 295 22.53 -0.33 -26.03
C GLU A 295 22.28 1.18 -26.02
N GLY A 296 21.72 1.69 -24.92
CA GLY A 296 21.40 3.11 -24.79
C GLY A 296 22.60 4.05 -24.83
N PHE A 297 23.70 3.65 -24.21
CA PHE A 297 24.93 4.45 -24.24
C PHE A 297 25.61 4.36 -25.60
N GLU A 298 25.67 3.16 -26.16
CA GLU A 298 26.30 2.96 -27.47
C GLU A 298 25.59 3.78 -28.55
N ALA A 299 24.27 3.88 -28.44
CA ALA A 299 23.50 4.73 -29.33
C ALA A 299 23.88 6.21 -29.20
N LEU A 300 24.19 6.66 -27.99
CA LEU A 300 24.56 8.07 -27.79
C LEU A 300 25.97 8.40 -28.26
N LEU A 301 26.79 7.35 -28.41
CA LEU A 301 28.20 7.49 -28.79
C LEU A 301 28.36 7.55 -30.31
N LYS A 302 27.53 6.81 -31.03
CA LYS A 302 27.51 6.85 -32.50
C LYS A 302 26.08 6.84 -33.04
N GLU B 12 4.11 41.44 46.47
CA GLU B 12 3.38 40.14 46.54
C GLU B 12 4.33 38.97 46.25
N VAL B 13 4.12 37.84 46.92
CA VAL B 13 4.88 36.62 46.68
C VAL B 13 4.20 35.77 45.61
N ASP B 14 5.01 35.12 44.78
CA ASP B 14 4.51 34.15 43.80
C ASP B 14 5.03 32.79 44.21
N PRO B 15 4.14 31.88 44.63
CA PRO B 15 4.56 30.56 45.08
C PRO B 15 5.05 29.61 43.97
N THR B 16 4.81 29.97 42.71
CA THR B 16 5.26 29.15 41.57
C THR B 16 6.59 29.64 41.01
N HIS B 17 7.23 30.57 41.72
CA HIS B 17 8.51 31.14 41.29
C HIS B 17 9.63 30.74 42.23
N PHE B 18 10.58 29.98 41.70
CA PHE B 18 11.64 29.36 42.50
C PHE B 18 12.96 30.02 42.18
N GLU B 19 13.60 30.54 43.23
CA GLU B 19 14.83 31.29 43.07
C GLU B 19 15.96 30.29 42.95
N LYS B 20 16.73 30.44 41.88
CA LYS B 20 17.81 29.52 41.54
C LYS B 20 18.82 29.34 42.68
N ARG B 21 19.10 30.43 43.40
CA ARG B 21 20.03 30.41 44.54
C ARG B 21 19.69 29.33 45.58
N PHE B 22 18.39 29.08 45.81
CA PHE B 22 17.94 28.20 46.91
C PHE B 22 17.71 26.76 46.49
N LEU B 23 17.92 26.48 45.21
CA LEU B 23 17.60 25.20 44.62
C LEU B 23 18.86 24.32 44.64
N LYS B 24 18.85 23.31 45.50
CA LYS B 24 20.08 22.56 45.82
C LYS B 24 20.03 21.10 45.33
N ARG B 25 20.92 20.79 44.40
CA ARG B 25 20.96 19.47 43.74
C ARG B 25 21.32 18.30 44.68
N ILE B 26 20.48 17.26 44.64
CA ILE B 26 20.68 16.06 45.48
C ILE B 26 21.12 14.85 44.64
N ARG B 27 20.41 14.58 43.55
CA ARG B 27 20.79 13.51 42.62
C ARG B 27 19.93 13.52 41.37
N ASP B 28 20.35 12.72 40.38
CA ASP B 28 19.62 12.64 39.10
C ASP B 28 18.46 11.63 39.12
N LEU B 29 17.33 12.02 38.53
CA LEU B 29 16.11 11.17 38.47
C LEU B 29 15.93 10.59 37.07
N GLY B 30 16.47 11.27 36.06
CA GLY B 30 16.51 10.76 34.70
C GLY B 30 17.02 11.80 33.74
N GLU B 31 17.35 11.36 32.53
CA GLU B 31 17.70 12.27 31.47
C GLU B 31 17.32 11.70 30.13
N GLY B 32 17.10 12.60 29.18
CA GLY B 32 17.21 12.25 27.78
C GLY B 32 18.42 12.94 27.16
N HIS B 33 18.41 13.01 25.85
CA HIS B 33 19.44 13.72 25.10
C HIS B 33 19.60 15.15 25.59
N PHE B 34 18.49 15.92 25.57
CA PHE B 34 18.55 17.38 25.72
C PHE B 34 18.12 17.97 27.05
N GLY B 35 17.44 17.18 27.86
CA GLY B 35 16.96 17.64 29.16
C GLY B 35 17.30 16.63 30.24
N LYS B 36 17.33 17.10 31.48
CA LYS B 36 17.59 16.21 32.63
C LYS B 36 16.70 16.59 33.80
N VAL B 37 16.31 15.59 34.56
CA VAL B 37 15.49 15.83 35.75
C VAL B 37 16.31 15.44 36.98
N GLU B 38 16.40 16.36 37.94
CA GLU B 38 17.17 16.15 39.16
C GLU B 38 16.31 16.29 40.39
N LEU B 39 16.63 15.53 41.43
CA LEU B 39 16.05 15.73 42.73
C LEU B 39 16.82 16.87 43.36
N CYS B 40 16.08 17.91 43.75
CA CYS B 40 16.65 19.05 44.44
C CYS B 40 15.87 19.32 45.73
N ARG B 41 16.54 19.96 46.69
CA ARG B 41 15.83 20.56 47.81
C ARG B 41 15.78 22.06 47.54
N TYR B 42 14.60 22.67 47.74
CA TYR B 42 14.47 24.11 47.62
C TYR B 42 14.51 24.65 49.04
N ASP B 43 15.56 25.36 49.38
CA ASP B 43 15.89 25.63 50.79
C ASP B 43 16.15 27.14 51.04
N PRO B 44 15.11 27.98 50.87
CA PRO B 44 15.26 29.44 51.06
C PRO B 44 15.69 29.88 52.47
N GLU B 45 15.32 29.12 53.49
CA GLU B 45 15.72 29.43 54.88
C GLU B 45 17.13 28.89 55.15
N GLY B 46 17.59 27.99 54.31
CA GLY B 46 18.99 27.58 54.30
C GLY B 46 19.46 26.66 55.42
N ASP B 47 18.55 25.89 56.02
CA ASP B 47 18.88 25.01 57.15
C ASP B 47 18.51 23.54 56.89
N ASN B 48 18.39 23.20 55.61
CA ASN B 48 18.02 21.86 55.15
C ASN B 48 16.62 21.41 55.58
N THR B 49 15.71 22.37 55.79
CA THR B 49 14.30 22.06 56.10
C THR B 49 13.35 22.27 54.92
N GLY B 50 13.85 22.74 53.78
CA GLY B 50 12.97 23.07 52.63
C GLY B 50 12.40 21.86 51.91
N GLU B 51 11.50 22.11 50.97
CA GLU B 51 10.81 21.05 50.22
C GLU B 51 11.74 20.33 49.23
N GLN B 52 11.53 19.03 49.05
CA GLN B 52 12.17 18.29 47.97
C GLN B 52 11.31 18.42 46.71
N VAL B 53 11.95 18.73 45.58
CA VAL B 53 11.27 18.91 44.32
C VAL B 53 12.03 18.24 43.17
N ALA B 54 11.32 17.98 42.07
CA ALA B 54 11.94 17.50 40.84
C ALA B 54 12.13 18.67 39.86
N VAL B 55 13.34 18.79 39.30
CA VAL B 55 13.75 19.96 38.52
C VAL B 55 14.21 19.48 37.15
N LYS B 56 13.55 19.95 36.10
CA LYS B 56 13.93 19.63 34.74
C LYS B 56 14.64 20.83 34.13
N SER B 57 15.83 20.57 33.60
CA SER B 57 16.69 21.60 33.01
C SER B 57 17.20 21.15 31.65
N LEU B 58 17.70 22.10 30.88
CA LEU B 58 18.37 21.78 29.63
C LEU B 58 19.83 21.44 29.90
N LYS B 59 20.36 20.46 29.16
CA LYS B 59 21.79 20.15 29.24
C LYS B 59 22.57 21.14 28.38
N ASN B 65 19.64 25.07 20.60
CA ASN B 65 19.05 25.39 21.89
C ASN B 65 17.59 24.95 22.01
N HIS B 66 17.24 24.35 23.14
CA HIS B 66 15.93 23.73 23.29
C HIS B 66 15.01 24.44 24.26
N ILE B 67 15.31 25.71 24.51
CA ILE B 67 14.51 26.56 25.38
C ILE B 67 13.05 26.61 24.94
N ALA B 68 12.83 26.82 23.66
CA ALA B 68 11.47 26.93 23.13
C ALA B 68 10.63 25.68 23.44
N ASP B 69 11.25 24.50 23.34
CA ASP B 69 10.58 23.23 23.62
C ASP B 69 10.27 23.07 25.10
N LEU B 70 11.24 23.39 25.96
CA LEU B 70 11.03 23.27 27.41
C LEU B 70 9.95 24.25 27.89
N LYS B 71 9.89 25.44 27.28
CA LYS B 71 8.85 26.42 27.59
C LYS B 71 7.45 25.95 27.20
N LYS B 72 7.35 25.34 26.02
CA LYS B 72 6.08 24.74 25.56
C LYS B 72 5.64 23.60 26.50
N GLU B 73 6.57 22.78 26.91
CA GLU B 73 6.35 21.71 27.90
C GLU B 73 5.79 22.22 29.24
N ILE B 74 6.41 23.28 29.76
CA ILE B 74 5.95 23.95 30.98
C ILE B 74 4.53 24.41 30.80
N GLU B 75 4.25 25.01 29.65
CA GLU B 75 2.93 25.58 29.41
C GLU B 75 1.86 24.49 29.28
N ILE B 76 2.23 23.36 28.68
CA ILE B 76 1.37 22.18 28.62
C ILE B 76 1.04 21.68 30.03
N LEU B 77 2.08 21.38 30.80
CA LEU B 77 1.94 20.72 32.10
C LEU B 77 1.23 21.57 33.17
N ARG B 78 1.57 22.85 33.21
CA ARG B 78 0.95 23.83 34.09
C ARG B 78 -0.58 23.84 34.02
N ASN B 79 -1.12 23.48 32.85
CA ASN B 79 -2.55 23.55 32.61
C ASN B 79 -3.22 22.18 32.51
N LEU B 80 -2.49 21.11 32.82
CA LEU B 80 -3.07 19.78 32.98
C LEU B 80 -3.45 19.59 34.45
N TYR B 81 -4.66 19.07 34.68
CA TYR B 81 -5.17 18.79 36.04
C TYR B 81 -5.87 17.43 36.05
N HIS B 82 -5.20 16.45 36.63
CA HIS B 82 -5.68 15.08 36.64
C HIS B 82 -4.89 14.35 37.67
N GLU B 83 -5.57 13.51 38.46
CA GLU B 83 -4.91 12.78 39.55
C GLU B 83 -3.83 11.80 39.08
N ASN B 84 -3.84 11.47 37.79
CA ASN B 84 -2.85 10.56 37.20
C ASN B 84 -1.88 11.29 36.26
N ILE B 85 -1.68 12.59 36.52
CA ILE B 85 -0.67 13.38 35.82
C ILE B 85 0.11 14.15 36.88
N VAL B 86 1.44 14.07 36.82
CA VAL B 86 2.33 14.72 37.80
C VAL B 86 2.07 16.23 37.88
N LYS B 87 2.17 16.76 39.09
N LYS B 87 2.17 16.76 39.09
CA LYS B 87 1.80 18.15 39.38
CA LYS B 87 1.84 18.16 39.37
C LYS B 87 2.95 19.12 39.11
C LYS B 87 2.98 19.10 39.07
N TYR B 88 2.67 20.14 38.30
CA TYR B 88 3.52 21.29 38.13
C TYR B 88 3.59 22.04 39.45
N LYS B 89 4.77 22.53 39.81
CA LYS B 89 4.93 23.37 41.01
C LYS B 89 5.36 24.78 40.64
N GLY B 90 6.18 24.91 39.61
CA GLY B 90 6.59 26.23 39.17
C GLY B 90 7.75 26.25 38.21
N ILE B 91 8.36 27.41 38.10
CA ILE B 91 9.52 27.62 37.26
C ILE B 91 10.66 28.34 37.97
N CYS B 92 11.84 28.18 37.38
CA CYS B 92 13.04 28.87 37.83
C CYS B 92 13.59 29.64 36.63
N THR B 93 13.55 30.97 36.71
CA THR B 93 14.02 31.83 35.62
C THR B 93 15.07 32.81 36.13
N GLY B 99 16.86 31.46 29.68
CA GLY B 99 17.01 30.33 30.60
C GLY B 99 15.79 30.07 31.47
N ILE B 100 15.43 28.80 31.61
CA ILE B 100 14.27 28.40 32.42
C ILE B 100 14.43 26.95 32.91
N LYS B 101 13.95 26.67 34.12
CA LYS B 101 13.80 25.30 34.61
C LYS B 101 12.36 25.04 35.03
N LEU B 102 11.89 23.82 34.76
CA LEU B 102 10.58 23.33 35.22
C LEU B 102 10.68 22.66 36.60
N ILE B 103 9.88 23.14 37.55
CA ILE B 103 9.77 22.55 38.88
C ILE B 103 8.48 21.71 39.04
N MET B 104 8.63 20.45 39.43
CA MET B 104 7.52 19.53 39.61
C MET B 104 7.56 18.89 40.99
N GLU B 105 6.45 18.31 41.39
CA GLU B 105 6.44 17.50 42.60
C GLU B 105 7.38 16.33 42.43
N PHE B 106 7.95 15.93 43.57
CA PHE B 106 8.80 14.75 43.65
C PHE B 106 8.05 13.57 44.22
N LEU B 107 8.07 12.46 43.49
CA LEU B 107 7.45 11.22 43.93
C LEU B 107 8.58 10.24 44.35
N PRO B 108 8.83 10.15 45.68
CA PRO B 108 9.94 9.37 46.27
C PRO B 108 10.00 7.90 45.84
N SER B 109 8.86 7.26 45.57
CA SER B 109 8.87 5.86 45.07
C SER B 109 9.38 5.74 43.65
N GLY B 110 9.43 6.86 42.94
CA GLY B 110 10.06 6.89 41.63
C GLY B 110 9.13 6.37 40.56
N SER B 111 9.73 5.92 39.48
CA SER B 111 8.99 5.36 38.37
C SER B 111 8.80 3.86 38.52
N LEU B 112 7.86 3.32 37.74
CA LEU B 112 7.67 1.87 37.66
C LEU B 112 8.99 1.11 37.43
N LYS B 113 9.92 1.73 36.68
CA LYS B 113 11.25 1.17 36.44
C LYS B 113 12.01 0.87 37.72
N GLU B 114 11.96 1.78 38.68
CA GLU B 114 12.67 1.60 39.96
C GLU B 114 11.80 0.85 40.97
N TYR B 115 10.50 1.08 40.90
CA TYR B 115 9.58 0.56 41.90
C TYR B 115 9.17 -0.91 41.70
N LEU B 116 8.89 -1.30 40.46
CA LEU B 116 8.35 -2.66 40.23
C LEU B 116 9.32 -3.80 40.58
N PRO B 117 10.61 -3.67 40.21
CA PRO B 117 11.58 -4.73 40.53
C PRO B 117 11.80 -4.90 42.03
N LYS B 118 11.58 -3.84 42.80
CA LYS B 118 11.77 -3.86 44.24
C LYS B 118 10.51 -4.28 45.01
N ASN B 119 9.37 -4.32 44.34
CA ASN B 119 8.08 -4.53 45.02
C ASN B 119 7.20 -5.65 44.46
N LYS B 120 7.77 -6.52 43.64
CA LYS B 120 7.08 -7.73 43.13
C LYS B 120 6.20 -8.47 44.15
N ASN B 121 6.72 -8.69 45.35
CA ASN B 121 5.97 -9.40 46.41
C ASN B 121 4.75 -8.61 46.88
N LYS B 122 4.78 -7.30 46.68
CA LYS B 122 3.73 -6.37 47.08
C LYS B 122 2.65 -6.18 45.99
N ILE B 123 3.06 -6.30 44.73
CA ILE B 123 2.22 -5.88 43.59
C ILE B 123 1.78 -7.09 42.75
N ASN B 124 0.48 -7.43 42.86
CA ASN B 124 -0.10 -8.56 42.13
C ASN B 124 -0.86 -8.12 40.87
N LEU B 125 -1.38 -9.10 40.13
CA LEU B 125 -2.05 -8.83 38.85
C LEU B 125 -3.16 -7.82 39.00
N LYS B 126 -3.95 -7.94 40.07
CA LYS B 126 -5.06 -7.02 40.32
C LYS B 126 -4.60 -5.57 40.42
N GLN B 127 -3.48 -5.36 41.11
CA GLN B 127 -2.93 -4.02 41.27
C GLN B 127 -2.26 -3.52 39.98
N GLN B 128 -1.59 -4.41 39.25
CA GLN B 128 -1.09 -4.09 37.92
C GLN B 128 -2.22 -3.59 37.02
N LEU B 129 -3.38 -4.23 37.07
CA LEU B 129 -4.50 -3.82 36.22
C LEU B 129 -5.08 -2.48 36.68
N LYS B 130 -4.99 -2.19 37.98
CA LYS B 130 -5.45 -0.89 38.49
C LYS B 130 -4.52 0.21 38.00
N TYR B 131 -3.22 -0.07 37.99
CA TYR B 131 -2.26 0.85 37.39
C TYR B 131 -2.58 1.06 35.92
N ALA B 132 -2.84 -0.03 35.19
CA ALA B 132 -3.20 0.09 33.78
C ALA B 132 -4.35 1.07 33.56
N VAL B 133 -5.41 0.96 34.34
CA VAL B 133 -6.58 1.85 34.24
C VAL B 133 -6.19 3.30 34.47
N GLN B 134 -5.35 3.53 35.46
CA GLN B 134 -4.92 4.90 35.79
C GLN B 134 -4.08 5.54 34.70
N ILE B 135 -3.21 4.75 34.08
CA ILE B 135 -2.40 5.24 32.95
C ILE B 135 -3.35 5.58 31.80
N CYS B 136 -4.35 4.72 31.56
CA CYS B 136 -5.32 4.97 30.46
C CYS B 136 -6.17 6.21 30.71
N LYS B 137 -6.57 6.41 31.97
CA LYS B 137 -7.38 7.58 32.34
C LYS B 137 -6.55 8.86 32.11
N GLY B 138 -5.28 8.82 32.53
CA GLY B 138 -4.37 9.94 32.34
C GLY B 138 -4.18 10.25 30.86
N MET B 139 -4.02 9.20 30.08
CA MET B 139 -3.78 9.33 28.63
C MET B 139 -5.05 9.80 27.91
N ASP B 140 -6.18 9.26 28.31
CA ASP B 140 -7.45 9.67 27.71
C ASP B 140 -7.75 11.14 28.01
N TYR B 141 -7.37 11.62 29.18
CA TYR B 141 -7.49 13.04 29.52
C TYR B 141 -6.60 13.89 28.61
N LEU B 142 -5.37 13.42 28.41
CA LEU B 142 -4.45 14.09 27.48
C LEU B 142 -5.02 14.14 26.05
N GLY B 143 -5.57 13.01 25.59
CA GLY B 143 -6.23 12.94 24.29
C GLY B 143 -7.37 13.93 24.13
N SER B 144 -8.18 14.07 25.18
CA SER B 144 -9.32 15.00 25.21
C SER B 144 -8.88 16.47 25.11
N ARG B 145 -7.63 16.74 25.50
N ARG B 145 -7.63 16.74 25.50
CA ARG B 145 -7.04 18.08 25.36
CA ARG B 145 -7.03 18.06 25.38
C ARG B 145 -6.28 18.21 24.04
C ARG B 145 -6.29 18.22 24.04
N GLN B 146 -6.49 17.26 23.13
CA GLN B 146 -5.86 17.25 21.81
C GLN B 146 -4.32 17.18 21.81
N TYR B 147 -3.75 16.40 22.75
CA TYR B 147 -2.32 16.14 22.76
C TYR B 147 -2.01 14.70 22.44
N VAL B 148 -0.87 14.52 21.79
CA VAL B 148 -0.23 13.23 21.67
C VAL B 148 1.06 13.26 22.48
N HIS B 149 1.27 12.20 23.28
CA HIS B 149 2.38 12.14 24.25
C HIS B 149 3.70 11.77 23.65
N ARG B 150 3.68 10.75 22.80
CA ARG B 150 4.86 10.30 22.01
C ARG B 150 6.00 9.62 22.78
N ASP B 151 5.85 9.45 24.10
CA ASP B 151 6.93 8.89 24.91
C ASP B 151 6.41 8.10 26.10
N LEU B 152 5.29 7.41 25.93
CA LEU B 152 4.70 6.67 27.01
C LEU B 152 5.47 5.37 27.17
N ALA B 153 6.04 5.20 28.36
CA ALA B 153 6.86 4.04 28.72
C ALA B 153 6.89 3.98 30.24
N ALA B 154 7.22 2.80 30.79
CA ALA B 154 7.21 2.58 32.23
C ALA B 154 8.13 3.58 32.96
N ARG B 155 9.27 3.91 32.36
CA ARG B 155 10.22 4.86 32.98
C ARG B 155 9.64 6.27 33.21
N ASN B 156 8.54 6.60 32.51
CA ASN B 156 7.86 7.88 32.66
C ASN B 156 6.55 7.80 33.47
N VAL B 157 6.26 6.62 34.04
CA VAL B 157 5.09 6.46 34.90
C VAL B 157 5.60 6.42 36.33
N LEU B 158 5.15 7.38 37.13
CA LEU B 158 5.56 7.50 38.53
C LEU B 158 4.59 6.81 39.48
N VAL B 159 5.13 6.34 40.59
CA VAL B 159 4.33 5.76 41.68
C VAL B 159 4.09 6.76 42.80
N GLU B 160 2.84 7.19 42.94
CA GLU B 160 2.43 8.11 44.02
C GLU B 160 2.34 7.36 45.36
N SER B 161 1.80 6.16 45.29
CA SER B 161 1.70 5.23 46.40
C SER B 161 1.50 3.85 45.79
N GLU B 162 1.42 2.84 46.64
CA GLU B 162 1.08 1.49 46.22
C GLU B 162 -0.20 1.43 45.38
N HIS B 163 -1.12 2.37 45.59
CA HIS B 163 -2.41 2.35 44.93
C HIS B 163 -2.61 3.40 43.85
N GLN B 164 -1.58 4.21 43.55
CA GLN B 164 -1.73 5.29 42.56
C GLN B 164 -0.47 5.58 41.74
N VAL B 165 -0.64 5.68 40.42
CA VAL B 165 0.42 6.12 39.51
C VAL B 165 0.04 7.41 38.80
N LYS B 166 1.07 8.09 38.29
CA LYS B 166 0.94 9.34 37.52
C LYS B 166 1.89 9.34 36.30
N ILE B 167 1.41 9.84 35.16
CA ILE B 167 2.30 10.12 34.03
C ILE B 167 3.21 11.28 34.44
N GLY B 168 4.53 11.07 34.34
CA GLY B 168 5.53 11.93 35.02
C GLY B 168 6.48 12.75 34.16
N ASP B 169 6.28 12.72 32.84
CA ASP B 169 7.10 13.48 31.90
C ASP B 169 6.29 13.77 30.64
N PHE B 170 6.52 14.94 30.08
CA PHE B 170 5.80 15.43 28.91
C PHE B 170 6.74 16.07 27.88
N GLY B 171 7.96 15.57 27.86
CA GLY B 171 9.03 16.15 27.05
C GLY B 171 8.82 16.11 25.55
N LEU B 172 8.07 15.12 25.08
CA LEU B 172 7.80 14.98 23.66
C LEU B 172 6.36 15.31 23.28
N THR B 173 5.57 15.80 24.24
CA THR B 173 4.12 15.97 24.02
C THR B 173 3.83 17.09 23.01
N LYS B 174 2.96 16.79 22.06
CA LYS B 174 2.60 17.73 20.98
C LYS B 174 1.10 17.86 20.88
N ALA B 175 0.67 19.05 20.49
CA ALA B 175 -0.71 19.36 20.19
C ALA B 175 -1.03 18.84 18.79
N ILE B 176 -2.16 18.15 18.65
CA ILE B 176 -2.70 17.83 17.34
C ILE B 176 -3.58 19.00 16.95
N GLU B 177 -3.30 19.60 15.80
CA GLU B 177 -4.13 20.67 15.24
C GLU B 177 -5.61 20.27 15.18
N THR B 178 -6.49 21.19 15.60
CA THR B 178 -7.94 21.01 15.47
C THR B 178 -8.32 20.53 14.06
N ASP B 179 -9.23 19.56 14.01
CA ASP B 179 -9.73 18.95 12.76
C ASP B 179 -8.66 18.17 11.95
N LYS B 180 -7.55 17.84 12.60
CA LYS B 180 -6.52 16.96 12.02
C LYS B 180 -6.40 15.77 12.98
N GLU B 181 -5.95 14.63 12.47
CA GLU B 181 -5.89 13.38 13.25
C GLU B 181 -4.51 13.05 13.78
N THR B 184 2.80 15.60 12.62
CA THR B 184 4.00 15.19 11.87
C THR B 184 5.27 15.69 12.55
N VAL B 185 6.15 14.79 12.94
CA VAL B 185 7.37 15.18 13.65
C VAL B 185 8.50 15.36 12.65
N LYS B 186 9.39 16.29 12.97
CA LYS B 186 10.56 16.58 12.16
C LYS B 186 11.80 16.10 12.89
N ASP B 187 11.95 16.50 14.16
CA ASP B 187 13.08 16.06 14.95
C ASP B 187 12.81 14.67 15.56
N ASP B 188 13.49 13.65 15.02
CA ASP B 188 13.25 12.24 15.41
C ASP B 188 14.50 11.40 15.77
N ARG B 189 15.68 12.02 15.82
CA ARG B 189 16.93 11.32 16.18
C ARG B 189 16.73 10.31 17.31
N ASP B 190 16.14 10.80 18.37
CA ASP B 190 16.12 10.06 19.62
C ASP B 190 14.78 9.43 19.93
N SER B 191 14.05 9.02 18.89
CA SER B 191 12.78 8.32 19.06
C SER B 191 12.96 7.02 19.85
N PRO B 192 12.00 6.73 20.77
CA PRO B 192 11.95 5.43 21.46
C PRO B 192 11.30 4.40 20.55
N VAL B 193 12.05 3.94 19.56
CA VAL B 193 11.49 3.18 18.44
C VAL B 193 10.84 1.86 18.86
N PHE B 194 11.30 1.26 19.95
CA PHE B 194 10.72 -0.01 20.38
C PHE B 194 9.37 0.13 21.08
N TRP B 195 8.94 1.37 21.28
CA TRP B 195 7.62 1.72 21.82
C TRP B 195 6.70 2.29 20.75
N TYR B 196 7.16 2.38 19.50
CA TYR B 196 6.47 3.15 18.45
C TYR B 196 5.67 2.31 17.44
N ALA B 197 4.50 2.83 17.11
CA ALA B 197 3.63 2.23 16.10
C ALA B 197 4.22 2.35 14.70
N PRO B 198 3.78 1.49 13.77
CA PRO B 198 4.39 1.50 12.43
C PRO B 198 4.34 2.86 11.70
N GLU B 199 3.26 3.61 11.87
CA GLU B 199 3.09 4.92 11.20
C GLU B 199 4.11 5.96 11.67
N CYS B 200 4.50 5.86 12.94
CA CYS B 200 5.50 6.71 13.51
C CYS B 200 6.87 6.32 12.95
N LEU B 201 7.14 5.02 12.87
CA LEU B 201 8.41 4.51 12.37
C LEU B 201 8.57 4.83 10.87
N MET B 202 7.50 4.66 10.12
CA MET B 202 7.52 4.75 8.65
C MET B 202 7.38 6.18 8.12
N GLN B 203 6.50 6.97 8.74
CA GLN B 203 6.16 8.32 8.24
C GLN B 203 6.27 9.47 9.26
N SER B 204 6.69 9.18 10.48
CA SER B 204 6.76 10.18 11.53
C SER B 204 5.39 10.88 11.74
N LYS B 205 4.30 10.14 11.54
CA LYS B 205 2.95 10.64 11.84
C LYS B 205 2.49 10.07 13.18
N PHE B 206 2.04 10.95 14.09
N PHE B 206 2.02 10.97 14.06
CA PHE B 206 1.63 10.57 15.45
CA PHE B 206 1.62 10.57 15.40
C PHE B 206 0.16 10.85 15.70
C PHE B 206 0.16 10.86 15.69
N TYR B 207 -0.61 9.77 15.89
CA TYR B 207 -2.03 9.85 16.17
C TYR B 207 -2.23 9.53 17.65
N ILE B 208 -3.42 9.80 18.18
CA ILE B 208 -3.81 9.27 19.49
C ILE B 208 -3.64 7.75 19.49
N ALA B 209 -4.10 7.07 18.43
CA ALA B 209 -3.89 5.64 18.27
C ALA B 209 -2.43 5.21 18.41
N SER B 210 -1.50 6.10 18.05
CA SER B 210 -0.07 5.82 18.20
C SER B 210 0.29 5.74 19.70
N ASP B 211 -0.32 6.59 20.52
CA ASP B 211 -0.16 6.55 21.99
C ASP B 211 -0.72 5.26 22.60
N VAL B 212 -1.84 4.78 22.07
CA VAL B 212 -2.41 3.50 22.46
C VAL B 212 -1.44 2.33 22.21
N TRP B 213 -0.80 2.32 21.05
CA TRP B 213 0.25 1.34 20.77
C TRP B 213 1.31 1.32 21.84
N SER B 214 1.85 2.50 22.12
N SER B 214 1.83 2.50 22.13
CA SER B 214 2.87 2.69 23.16
CA SER B 214 2.87 2.66 23.14
C SER B 214 2.39 2.20 24.52
C SER B 214 2.39 2.25 24.54
N PHE B 215 1.11 2.46 24.82
CA PHE B 215 0.51 1.97 26.05
C PHE B 215 0.57 0.45 26.14
N GLY B 216 0.30 -0.21 25.02
CA GLY B 216 0.43 -1.67 24.93
C GLY B 216 1.82 -2.14 25.36
N VAL B 217 2.83 -1.44 24.88
CA VAL B 217 4.22 -1.79 25.24
C VAL B 217 4.46 -1.51 26.72
N THR B 218 3.99 -0.37 27.21
CA THR B 218 4.10 0.00 28.63
C THR B 218 3.44 -1.03 29.53
N LEU B 219 2.29 -1.54 29.08
CA LEU B 219 1.57 -2.57 29.80
C LEU B 219 2.38 -3.85 29.81
N HIS B 220 3.02 -4.17 28.70
CA HIS B 220 3.93 -5.29 28.68
C HIS B 220 5.03 -5.12 29.72
N GLU B 221 5.63 -3.93 29.78
CA GLU B 221 6.64 -3.62 30.84
C GLU B 221 6.15 -3.86 32.28
N LEU B 222 4.99 -3.30 32.56
CA LEU B 222 4.35 -3.41 33.87
C LEU B 222 4.18 -4.89 34.27
N LEU B 223 3.74 -5.70 33.30
CA LEU B 223 3.54 -7.14 33.51
C LEU B 223 4.82 -7.97 33.67
N THR B 224 5.94 -7.44 33.20
CA THR B 224 7.25 -8.07 33.41
C THR B 224 7.97 -7.38 34.58
N TYR B 225 7.27 -6.50 35.31
CA TYR B 225 7.88 -5.77 36.42
C TYR B 225 9.14 -5.01 36.02
N CYS B 226 9.16 -4.50 34.80
CA CYS B 226 10.29 -3.73 34.30
C CYS B 226 11.64 -4.44 34.43
N ASP B 227 11.65 -5.76 34.32
CA ASP B 227 12.90 -6.53 34.25
C ASP B 227 13.65 -6.16 32.98
N SER B 228 14.91 -5.79 33.12
CA SER B 228 15.71 -5.35 31.98
C SER B 228 15.87 -6.43 30.91
N ASP B 229 15.95 -7.68 31.32
CA ASP B 229 16.07 -8.78 30.37
C ASP B 229 14.77 -9.09 29.60
N SER B 230 13.66 -8.49 30.02
CA SER B 230 12.35 -8.66 29.36
C SER B 230 11.85 -7.35 28.74
N SER B 231 12.69 -6.33 28.71
CA SER B 231 12.30 -5.03 28.17
C SER B 231 12.01 -5.12 26.68
N PRO B 232 11.12 -4.23 26.19
CA PRO B 232 10.75 -4.20 24.78
C PRO B 232 11.94 -4.17 23.84
N MET B 233 12.96 -3.37 24.18
CA MET B 233 14.20 -3.33 23.42
C MET B 233 14.91 -4.67 23.40
N ALA B 234 15.12 -5.27 24.57
CA ALA B 234 15.78 -6.58 24.66
C ALA B 234 15.07 -7.62 23.82
N LEU B 235 13.75 -7.69 23.98
CA LEU B 235 12.94 -8.73 23.32
C LEU B 235 12.83 -8.50 21.81
N PHE B 236 12.69 -7.26 21.40
CA PHE B 236 12.66 -6.95 19.98
C PHE B 236 14.01 -7.23 19.32
N LEU B 237 15.10 -6.89 20.02
CA LEU B 237 16.45 -7.12 19.49
C LEU B 237 16.79 -8.60 19.41
N LYS B 238 16.15 -9.42 20.25
CA LYS B 238 16.19 -10.88 20.11
C LYS B 238 15.45 -11.30 18.84
N MET B 239 14.28 -10.71 18.62
CA MET B 239 13.42 -11.09 17.47
C MET B 239 14.03 -10.73 16.12
N ILE B 240 14.59 -9.54 16.01
CA ILE B 240 15.09 -9.00 14.73
C ILE B 240 16.61 -9.13 14.54
N GLY B 241 17.34 -9.29 15.64
CA GLY B 241 18.80 -9.34 15.63
C GLY B 241 19.35 -8.07 16.28
N PRO B 242 20.38 -8.21 17.12
CA PRO B 242 20.92 -7.03 17.82
C PRO B 242 22.00 -6.24 17.09
N THR B 243 22.51 -6.76 15.97
CA THR B 243 23.66 -6.12 15.31
C THR B 243 23.36 -5.55 13.91
N HIS B 244 22.21 -4.89 13.73
CA HIS B 244 21.86 -4.30 12.43
C HIS B 244 22.09 -2.80 12.32
N GLY B 245 22.63 -2.20 13.37
CA GLY B 245 22.96 -0.76 13.37
C GLY B 245 21.88 0.13 12.80
N GLN B 246 22.25 0.98 11.83
CA GLN B 246 21.31 1.91 11.15
C GLN B 246 20.13 1.21 10.47
N MET B 247 20.22 -0.09 10.22
CA MET B 247 19.14 -0.86 9.62
C MET B 247 18.14 -1.42 10.64
N THR B 248 18.36 -1.14 11.93
CA THR B 248 17.48 -1.64 13.00
C THR B 248 15.99 -1.29 12.80
N VAL B 249 15.71 -0.02 12.53
CA VAL B 249 14.33 0.47 12.40
C VAL B 249 13.58 -0.15 11.23
N THR B 250 14.24 -0.23 10.07
CA THR B 250 13.63 -0.86 8.90
C THR B 250 13.35 -2.34 9.15
N ARG B 251 14.25 -3.01 9.86
CA ARG B 251 13.99 -4.39 10.26
C ARG B 251 12.88 -4.51 11.28
N LEU B 252 12.78 -3.54 12.18
CA LEU B 252 11.70 -3.54 13.13
C LEU B 252 10.36 -3.40 12.36
N VAL B 253 10.31 -2.46 11.42
CA VAL B 253 9.12 -2.23 10.60
C VAL B 253 8.74 -3.50 9.82
N ASN B 254 9.74 -4.22 9.34
CA ASN B 254 9.51 -5.47 8.59
C ASN B 254 8.93 -6.57 9.48
N THR B 255 9.50 -6.75 10.67
CA THR B 255 8.97 -7.69 11.67
C THR B 255 7.50 -7.38 12.04
N LEU B 256 7.18 -6.10 12.19
CA LEU B 256 5.80 -5.70 12.54
C LEU B 256 4.86 -5.91 11.35
N LYS B 257 5.33 -5.63 10.13
CA LYS B 257 4.55 -5.90 8.92
C LYS B 257 4.15 -7.39 8.78
N GLU B 258 4.98 -8.29 9.30
CA GLU B 258 4.71 -9.75 9.26
C GLU B 258 3.71 -10.20 10.33
N GLY B 259 3.33 -9.30 11.23
CA GLY B 259 2.37 -9.60 12.28
C GLY B 259 3.00 -10.13 13.57
N LYS B 260 4.32 -10.01 13.68
CA LYS B 260 5.03 -10.45 14.89
C LYS B 260 4.94 -9.35 15.97
N ARG B 261 4.70 -9.76 17.21
CA ARG B 261 4.56 -8.84 18.33
C ARG B 261 5.30 -9.39 19.53
N LEU B 262 5.47 -8.55 20.54
CA LEU B 262 6.02 -8.99 21.82
C LEU B 262 5.19 -10.14 22.38
N PRO B 263 5.85 -11.16 22.93
CA PRO B 263 5.15 -12.33 23.42
C PRO B 263 4.42 -12.07 24.74
N CYS B 264 3.52 -12.97 25.08
CA CYS B 264 2.76 -12.89 26.33
C CYS B 264 3.70 -12.96 27.51
N PRO B 265 3.63 -11.98 28.41
CA PRO B 265 4.48 -12.06 29.60
C PRO B 265 4.25 -13.33 30.42
N PRO B 266 5.28 -13.81 31.12
CA PRO B 266 5.05 -14.94 32.03
C PRO B 266 3.93 -14.62 33.01
N ASN B 267 3.06 -15.60 33.26
CA ASN B 267 1.97 -15.43 34.23
C ASN B 267 0.92 -14.38 33.84
N CYS B 268 0.97 -13.87 32.61
CA CYS B 268 -0.04 -12.92 32.17
C CYS B 268 -1.18 -13.72 31.55
N PRO B 269 -2.41 -13.56 32.08
CA PRO B 269 -3.55 -14.27 31.50
C PRO B 269 -3.80 -13.92 30.03
N ASP B 270 -4.34 -14.86 29.26
CA ASP B 270 -4.58 -14.61 27.84
C ASP B 270 -5.58 -13.47 27.63
N GLU B 271 -6.58 -13.39 28.49
CA GLU B 271 -7.56 -12.30 28.44
C GLU B 271 -6.87 -10.91 28.58
N VAL B 272 -5.85 -10.82 29.42
CA VAL B 272 -5.07 -9.57 29.55
C VAL B 272 -4.21 -9.36 28.29
N TYR B 273 -3.55 -10.42 27.83
CA TYR B 273 -2.73 -10.35 26.62
C TYR B 273 -3.55 -9.95 25.39
N GLN B 274 -4.81 -10.39 25.29
CA GLN B 274 -5.68 -9.99 24.16
C GLN B 274 -6.02 -8.48 24.18
N LEU B 275 -6.13 -7.88 25.36
CA LEU B 275 -6.32 -6.42 25.45
C LEU B 275 -5.08 -5.69 24.94
N MET B 276 -3.92 -6.23 25.30
CA MET B 276 -2.61 -5.75 24.84
C MET B 276 -2.48 -5.84 23.32
N ARG B 277 -2.85 -7.00 22.76
CA ARG B 277 -2.79 -7.20 21.31
C ARG B 277 -3.67 -6.23 20.52
N LYS B 278 -4.76 -5.78 21.13
CA LYS B 278 -5.64 -4.81 20.46
C LYS B 278 -5.00 -3.43 20.35
N CYS B 279 -3.98 -3.17 21.18
CA CYS B 279 -3.19 -1.93 21.11
C CYS B 279 -2.24 -1.94 19.92
N TRP B 280 -2.01 -3.12 19.36
CA TRP B 280 -1.00 -3.32 18.34
C TRP B 280 -1.53 -3.76 16.99
N GLU B 281 -2.75 -3.39 16.65
CA GLU B 281 -3.22 -3.55 15.28
C GLU B 281 -2.36 -2.66 14.39
N PHE B 282 -1.90 -3.21 13.27
CA PHE B 282 -0.98 -2.49 12.40
C PHE B 282 -1.59 -1.15 12.00
N GLN B 283 -2.85 -1.19 11.61
CA GLN B 283 -3.55 0.02 11.20
C GLN B 283 -4.08 0.75 12.43
N PRO B 284 -3.76 2.04 12.57
CA PRO B 284 -4.23 2.84 13.72
C PRO B 284 -5.74 2.77 13.92
N SER B 285 -6.51 2.84 12.82
CA SER B 285 -7.96 2.87 12.91
C SER B 285 -8.60 1.55 13.42
N ASN B 286 -7.85 0.45 13.36
CA ASN B 286 -8.32 -0.84 13.92
C ASN B 286 -7.95 -1.07 15.41
N ARG B 287 -7.17 -0.17 15.99
CA ARG B 287 -6.76 -0.30 17.38
C ARG B 287 -7.87 0.05 18.36
N THR B 288 -7.77 -0.55 19.54
CA THR B 288 -8.66 -0.21 20.64
C THR B 288 -8.45 1.26 21.05
N SER B 289 -9.41 1.80 21.78
CA SER B 289 -9.31 3.15 22.35
C SER B 289 -8.95 3.02 23.82
N PHE B 290 -8.52 4.13 24.41
CA PHE B 290 -8.22 4.14 25.84
C PHE B 290 -9.48 3.89 26.66
N GLN B 291 -10.63 4.41 26.20
CA GLN B 291 -11.92 4.16 26.88
C GLN B 291 -12.33 2.69 26.83
N ASN B 292 -12.13 2.05 25.69
N ASN B 292 -12.15 2.05 25.68
CA ASN B 292 -12.38 0.62 25.56
CA ASN B 292 -12.37 0.61 25.57
C ASN B 292 -11.42 -0.20 26.44
C ASN B 292 -11.43 -0.17 26.49
N LEU B 293 -10.18 0.26 26.57
CA LEU B 293 -9.20 -0.42 27.43
C LEU B 293 -9.64 -0.35 28.89
N ILE B 294 -10.04 0.84 29.35
CA ILE B 294 -10.54 1.05 30.71
C ILE B 294 -11.70 0.11 31.04
N GLU B 295 -12.67 0.02 30.13
CA GLU B 295 -13.81 -0.88 30.30
C GLU B 295 -13.36 -2.34 30.36
N GLY B 296 -12.40 -2.71 29.52
CA GLY B 296 -11.90 -4.08 29.48
C GLY B 296 -11.21 -4.48 30.78
N PHE B 297 -10.34 -3.59 31.28
CA PHE B 297 -9.63 -3.82 32.56
C PHE B 297 -10.60 -3.89 33.74
N GLU B 298 -11.52 -2.93 33.80
CA GLU B 298 -12.56 -2.90 34.83
C GLU B 298 -13.40 -4.18 34.87
N ALA B 299 -13.76 -4.71 33.70
CA ALA B 299 -14.48 -5.99 33.61
C ALA B 299 -13.66 -7.13 34.20
N LEU B 300 -12.35 -7.11 33.96
CA LEU B 300 -11.46 -8.12 34.53
C LEU B 300 -11.27 -7.96 36.05
N LEU B 301 -11.44 -6.74 36.57
CA LEU B 301 -11.23 -6.48 38.00
C LEU B 301 -12.44 -6.86 38.87
N LYS B 302 -13.64 -6.65 38.34
CA LYS B 302 -14.87 -7.01 39.04
C LYS B 302 -15.82 -7.73 38.09
N GLU C 12 21.36 -35.69 -29.59
CA GLU C 12 20.90 -34.75 -30.66
C GLU C 12 20.50 -33.39 -30.08
N VAL C 13 20.62 -32.35 -30.89
CA VAL C 13 20.29 -30.98 -30.47
C VAL C 13 18.88 -30.56 -30.90
N ASP C 14 18.10 -30.06 -29.95
CA ASP C 14 16.74 -29.56 -30.20
C ASP C 14 16.78 -28.03 -30.30
N PRO C 15 16.53 -27.48 -31.49
CA PRO C 15 16.60 -26.02 -31.68
C PRO C 15 15.49 -25.25 -30.96
N THR C 16 14.43 -25.94 -30.55
CA THR C 16 13.32 -25.31 -29.83
C THR C 16 13.43 -25.41 -28.31
N HIS C 17 14.59 -25.84 -27.81
CA HIS C 17 14.84 -25.92 -26.37
C HIS C 17 15.90 -24.92 -25.95
N PHE C 18 15.48 -23.99 -25.11
CA PHE C 18 16.31 -22.87 -24.66
C PHE C 18 16.66 -23.10 -23.20
N GLU C 19 17.95 -23.02 -22.90
CA GLU C 19 18.44 -23.17 -21.53
C GLU C 19 18.31 -21.86 -20.73
N LYS C 20 17.73 -21.98 -19.54
CA LYS C 20 17.49 -20.82 -18.67
C LYS C 20 18.76 -20.03 -18.40
N ARG C 21 19.88 -20.73 -18.22
CA ARG C 21 21.17 -20.12 -17.87
C ARG C 21 21.68 -19.13 -18.91
N PHE C 22 21.28 -19.28 -20.17
CA PHE C 22 21.75 -18.40 -21.27
C PHE C 22 20.76 -17.29 -21.65
N LEU C 23 19.58 -17.32 -21.05
CA LEU C 23 18.54 -16.33 -21.33
C LEU C 23 18.82 -15.08 -20.49
N LYS C 24 19.17 -13.99 -21.15
CA LYS C 24 19.57 -12.76 -20.46
C LYS C 24 18.53 -11.66 -20.70
N ARG C 25 17.92 -11.19 -19.61
CA ARG C 25 16.86 -10.19 -19.68
C ARG C 25 17.34 -8.84 -20.21
N ILE C 26 16.60 -8.25 -21.15
CA ILE C 26 16.90 -6.90 -21.65
C ILE C 26 15.92 -5.85 -21.14
N ARG C 27 14.63 -6.02 -21.43
CA ARG C 27 13.58 -5.15 -20.88
C ARG C 27 12.20 -5.80 -21.03
N ASP C 28 11.17 -5.14 -20.51
CA ASP C 28 9.81 -5.68 -20.54
C ASP C 28 9.10 -5.28 -21.82
N LEU C 29 8.31 -6.20 -22.36
CA LEU C 29 7.50 -5.95 -23.55
C LEU C 29 6.01 -5.81 -23.22
N GLY C 30 5.57 -6.50 -22.20
CA GLY C 30 4.21 -6.36 -21.72
C GLY C 30 3.94 -7.26 -20.55
N GLU C 31 2.82 -7.02 -19.87
CA GLU C 31 2.37 -7.94 -18.84
C GLU C 31 0.86 -7.92 -18.72
N GLY C 32 0.32 -9.06 -18.31
CA GLY C 32 -1.04 -9.16 -17.82
C GLY C 32 -1.00 -9.42 -16.31
N HIS C 33 -2.15 -9.80 -15.78
CA HIS C 33 -2.28 -10.18 -14.39
C HIS C 33 -1.34 -11.31 -14.04
N PHE C 34 -1.37 -12.42 -14.80
CA PHE C 34 -0.62 -13.63 -14.43
C PHE C 34 0.64 -13.96 -15.22
N GLY C 35 0.89 -13.21 -16.28
CA GLY C 35 2.04 -13.46 -17.13
C GLY C 35 2.74 -12.18 -17.54
N LYS C 36 3.99 -12.32 -17.96
CA LYS C 36 4.77 -11.19 -18.48
C LYS C 36 5.62 -11.66 -19.64
N VAL C 37 5.81 -10.77 -20.60
CA VAL C 37 6.71 -11.00 -21.71
C VAL C 37 7.91 -10.03 -21.62
N GLU C 38 9.11 -10.59 -21.75
CA GLU C 38 10.34 -9.83 -21.72
C GLU C 38 11.14 -10.02 -22.99
N LEU C 39 11.84 -8.96 -23.39
CA LEU C 39 12.84 -9.05 -24.42
C LEU C 39 14.09 -9.64 -23.75
N CYS C 40 14.61 -10.74 -24.28
CA CYS C 40 15.82 -11.35 -23.73
C CYS C 40 16.80 -11.59 -24.86
N ARG C 41 18.09 -11.66 -24.52
CA ARG C 41 19.10 -12.20 -25.43
C ARG C 41 19.39 -13.65 -25.03
N TYR C 42 19.29 -14.56 -25.99
CA TYR C 42 19.69 -15.94 -25.77
C TYR C 42 21.16 -16.06 -26.18
N ASP C 43 22.04 -16.15 -25.19
CA ASP C 43 23.47 -15.94 -25.42
C ASP C 43 24.31 -17.10 -24.90
N PRO C 44 24.14 -18.30 -25.48
CA PRO C 44 24.85 -19.50 -25.03
C PRO C 44 26.38 -19.40 -25.17
N GLU C 45 26.86 -18.66 -26.16
CA GLU C 45 28.32 -18.45 -26.35
C GLU C 45 28.90 -17.39 -25.39
N GLY C 46 28.02 -16.61 -24.75
CA GLY C 46 28.43 -15.67 -23.69
C GLY C 46 29.13 -14.39 -24.11
N ASP C 47 29.03 -14.01 -25.38
CA ASP C 47 29.78 -12.86 -25.91
C ASP C 47 28.90 -11.72 -26.42
N ASN C 48 27.61 -11.75 -26.07
CA ASN C 48 26.63 -10.81 -26.60
C ASN C 48 26.41 -10.91 -28.12
N THR C 49 26.62 -12.08 -28.69
CA THR C 49 26.29 -12.27 -30.12
C THR C 49 24.95 -13.00 -30.34
N GLY C 50 24.37 -13.51 -29.27
CA GLY C 50 23.18 -14.35 -29.38
C GLY C 50 21.93 -13.61 -29.84
N GLU C 51 20.95 -14.39 -30.27
CA GLU C 51 19.67 -13.88 -30.78
C GLU C 51 18.83 -13.17 -29.72
N GLN C 52 18.11 -12.12 -30.13
CA GLN C 52 17.06 -11.49 -29.33
C GLN C 52 15.74 -12.24 -29.52
N VAL C 53 15.08 -12.57 -28.40
CA VAL C 53 13.82 -13.32 -28.40
C VAL C 53 12.87 -12.75 -27.35
N ALA C 54 11.58 -13.00 -27.56
CA ALA C 54 10.55 -12.63 -26.62
C ALA C 54 10.22 -13.83 -25.73
N VAL C 55 10.18 -13.60 -24.41
CA VAL C 55 10.04 -14.68 -23.43
C VAL C 55 8.84 -14.41 -22.52
N LYS C 56 7.84 -15.29 -22.58
CA LYS C 56 6.69 -15.23 -21.67
C LYS C 56 6.82 -16.20 -20.50
N SER C 57 6.71 -15.64 -19.29
CA SER C 57 6.87 -16.33 -18.01
C SER C 57 5.65 -16.03 -17.18
N LEU C 58 5.38 -16.89 -16.20
CA LEU C 58 4.40 -16.62 -15.19
C LEU C 58 4.99 -15.72 -14.12
N LYS C 59 4.15 -14.84 -13.59
CA LYS C 59 4.53 -14.04 -12.44
C LYS C 59 4.30 -14.83 -11.15
N PRO C 60 4.92 -14.37 -10.04
CA PRO C 60 4.61 -14.81 -8.68
C PRO C 60 3.11 -14.96 -8.44
N ASN C 65 -1.62 -20.85 -9.41
CA ASN C 65 -0.83 -21.68 -10.31
C ASN C 65 -1.39 -21.71 -11.73
N HIS C 66 -0.68 -21.07 -12.65
CA HIS C 66 -1.16 -20.87 -14.01
C HIS C 66 -0.34 -21.63 -15.02
N ILE C 67 0.42 -22.59 -14.54
CA ILE C 67 1.31 -23.37 -15.38
C ILE C 67 0.54 -24.10 -16.46
N ALA C 68 -0.59 -24.70 -16.11
CA ALA C 68 -1.37 -25.48 -17.06
C ALA C 68 -1.89 -24.59 -18.18
N ASP C 69 -2.29 -23.36 -17.83
CA ASP C 69 -2.75 -22.38 -18.81
C ASP C 69 -1.64 -21.95 -19.79
N LEU C 70 -0.45 -21.66 -19.28
CA LEU C 70 0.68 -21.29 -20.14
C LEU C 70 1.06 -22.47 -21.05
N LYS C 71 1.03 -23.69 -20.50
CA LYS C 71 1.33 -24.88 -21.31
C LYS C 71 0.34 -25.05 -22.46
N LYS C 72 -0.95 -24.82 -22.19
CA LYS C 72 -2.00 -24.85 -23.23
C LYS C 72 -1.73 -23.76 -24.26
N GLU C 73 -1.38 -22.55 -23.81
CA GLU C 73 -1.06 -21.46 -24.74
C GLU C 73 0.10 -21.82 -25.68
N ILE C 74 1.14 -22.41 -25.11
CA ILE C 74 2.30 -22.89 -25.85
C ILE C 74 1.89 -23.88 -26.96
N GLU C 75 1.05 -24.84 -26.59
CA GLU C 75 0.58 -25.85 -27.53
C GLU C 75 -0.31 -25.24 -28.66
N ILE C 76 -1.14 -24.27 -28.32
CA ILE C 76 -1.95 -23.57 -29.31
C ILE C 76 -1.01 -22.88 -30.30
N LEU C 77 -0.09 -22.07 -29.78
CA LEU C 77 0.79 -21.24 -30.63
C LEU C 77 1.78 -22.06 -31.47
N ARG C 78 2.38 -23.08 -30.87
CA ARG C 78 3.32 -23.98 -31.55
C ARG C 78 2.77 -24.54 -32.86
N ASN C 79 1.45 -24.70 -32.91
CA ASN C 79 0.78 -25.31 -34.02
C ASN C 79 0.00 -24.33 -34.90
N LEU C 80 0.14 -23.03 -34.64
CA LEU C 80 -0.43 -22.01 -35.53
C LEU C 80 0.62 -21.61 -36.54
N TYR C 81 0.28 -21.69 -37.83
CA TYR C 81 1.22 -21.35 -38.91
C TYR C 81 0.54 -20.36 -39.85
N HIS C 82 0.78 -19.06 -39.64
CA HIS C 82 0.15 -18.00 -40.44
C HIS C 82 1.06 -16.80 -40.44
N GLU C 83 1.16 -16.13 -41.58
CA GLU C 83 2.05 -14.97 -41.67
C GLU C 83 1.64 -13.76 -40.81
N ASN C 84 0.39 -13.73 -40.39
CA ASN C 84 -0.12 -12.67 -39.47
C ASN C 84 -0.32 -13.14 -38.04
N ILE C 85 0.43 -14.20 -37.69
CA ILE C 85 0.47 -14.73 -36.34
C ILE C 85 1.91 -14.89 -35.93
N VAL C 86 2.24 -14.39 -34.74
CA VAL C 86 3.61 -14.40 -34.25
C VAL C 86 4.15 -15.85 -34.15
N LYS C 87 5.44 -15.99 -34.47
N LYS C 87 5.43 -16.00 -34.48
CA LYS C 87 6.10 -17.29 -34.52
CA LYS C 87 6.10 -17.30 -34.52
C LYS C 87 6.57 -17.77 -33.15
C LYS C 87 6.55 -17.76 -33.14
N TYR C 88 6.13 -18.98 -32.80
CA TYR C 88 6.72 -19.78 -31.72
C TYR C 88 8.17 -20.12 -32.05
N LYS C 89 9.07 -20.02 -31.07
CA LYS C 89 10.47 -20.42 -31.23
C LYS C 89 10.84 -21.63 -30.38
N GLY C 90 10.23 -21.76 -29.22
CA GLY C 90 10.58 -22.86 -28.35
C GLY C 90 10.12 -22.66 -26.94
N ILE C 91 10.70 -23.46 -26.04
CA ILE C 91 10.41 -23.39 -24.62
C ILE C 91 11.70 -23.40 -23.81
N CYS C 92 11.56 -23.01 -22.56
CA CYS C 92 12.58 -23.12 -21.56
C CYS C 92 11.95 -23.85 -20.38
N THR C 93 12.52 -24.97 -19.97
CA THR C 93 11.95 -25.76 -18.86
C THR C 93 12.97 -25.93 -17.73
N GLY C 99 7.66 -25.97 -14.08
CA GLY C 99 8.00 -24.62 -14.56
C GLY C 99 8.31 -24.55 -16.05
N ILE C 100 7.87 -23.49 -16.71
CA ILE C 100 8.05 -23.38 -18.15
C ILE C 100 7.96 -21.93 -18.63
N LYS C 101 8.69 -21.62 -19.71
CA LYS C 101 8.63 -20.32 -20.39
C LYS C 101 8.37 -20.52 -21.87
N LEU C 102 7.55 -19.66 -22.47
CA LEU C 102 7.32 -19.63 -23.90
C LEU C 102 8.31 -18.68 -24.62
N ILE C 103 9.01 -19.17 -25.65
CA ILE C 103 9.95 -18.36 -26.42
C ILE C 103 9.35 -18.09 -27.79
N MET C 104 9.26 -16.82 -28.15
CA MET C 104 8.67 -16.37 -29.42
C MET C 104 9.67 -15.49 -30.13
N GLU C 105 9.45 -15.28 -31.42
CA GLU C 105 10.18 -14.28 -32.16
C GLU C 105 9.92 -12.90 -31.56
N PHE C 106 10.95 -12.05 -31.60
CA PHE C 106 10.88 -10.66 -31.16
C PHE C 106 10.67 -9.75 -32.34
N LEU C 107 9.63 -8.91 -32.30
CA LEU C 107 9.41 -7.94 -33.34
C LEU C 107 9.81 -6.53 -32.83
N PRO C 108 10.94 -6.00 -33.33
CA PRO C 108 11.48 -4.74 -32.80
C PRO C 108 10.57 -3.53 -32.91
N SER C 109 9.69 -3.47 -33.90
CA SER C 109 8.76 -2.34 -33.99
C SER C 109 7.69 -2.34 -32.93
N GLY C 110 7.53 -3.47 -32.24
CA GLY C 110 6.61 -3.56 -31.12
C GLY C 110 5.16 -3.66 -31.56
N SER C 111 4.28 -3.29 -30.67
CA SER C 111 2.86 -3.33 -30.94
C SER C 111 2.43 -2.02 -31.59
N LEU C 112 1.28 -2.05 -32.26
CA LEU C 112 0.63 -0.86 -32.76
C LEU C 112 0.51 0.27 -31.71
N LYS C 113 0.41 -0.11 -30.44
CA LYS C 113 0.40 0.82 -29.29
C LYS C 113 1.66 1.68 -29.21
N GLU C 114 2.82 1.07 -29.44
CA GLU C 114 4.08 1.78 -29.52
C GLU C 114 4.26 2.41 -30.89
N TYR C 115 3.97 1.64 -31.94
CA TYR C 115 4.37 1.99 -33.28
C TYR C 115 3.55 3.14 -33.89
N LEU C 116 2.23 3.09 -33.72
CA LEU C 116 1.34 4.03 -34.42
C LEU C 116 1.57 5.51 -33.99
N PRO C 117 1.70 5.78 -32.68
CA PRO C 117 1.96 7.17 -32.26
C PRO C 117 3.27 7.76 -32.78
N LYS C 118 4.25 6.91 -33.07
CA LYS C 118 5.57 7.34 -33.52
C LYS C 118 5.65 7.44 -35.04
N ASN C 119 4.66 6.91 -35.73
CA ASN C 119 4.72 6.79 -37.19
C ASN C 119 3.49 7.31 -37.92
N LYS C 120 2.69 8.14 -37.25
CA LYS C 120 1.58 8.84 -37.91
C LYS C 120 1.91 9.34 -39.32
N ASN C 121 3.04 10.04 -39.45
CA ASN C 121 3.47 10.65 -40.73
C ASN C 121 3.72 9.63 -41.83
N LYS C 122 4.10 8.43 -41.42
CA LYS C 122 4.47 7.34 -42.29
C LYS C 122 3.25 6.52 -42.71
N ILE C 123 2.28 6.37 -41.81
CA ILE C 123 1.17 5.43 -41.99
C ILE C 123 -0.13 6.16 -42.35
N ASN C 124 -0.62 5.89 -43.57
CA ASN C 124 -1.83 6.50 -44.09
C ASN C 124 -3.03 5.55 -44.03
N LEU C 125 -4.19 6.05 -44.44
CA LEU C 125 -5.42 5.25 -44.36
C LEU C 125 -5.32 3.94 -45.13
N LYS C 126 -4.71 3.97 -46.31
CA LYS C 126 -4.54 2.77 -47.10
C LYS C 126 -3.76 1.70 -46.33
N GLN C 127 -2.66 2.11 -45.71
CA GLN C 127 -1.87 1.19 -44.88
C GLN C 127 -2.64 0.70 -43.63
N GLN C 128 -3.43 1.56 -43.00
CA GLN C 128 -4.27 1.13 -41.87
C GLN C 128 -5.26 0.04 -42.31
N LEU C 129 -5.86 0.20 -43.49
CA LEU C 129 -6.81 -0.81 -44.00
C LEU C 129 -6.16 -2.13 -44.35
N LYS C 130 -4.91 -2.07 -44.82
CA LYS C 130 -4.14 -3.29 -45.05
C LYS C 130 -3.83 -4.01 -43.75
N TYR C 131 -3.49 -3.26 -42.69
CA TYR C 131 -3.31 -3.90 -41.38
C TYR C 131 -4.62 -4.53 -40.94
N ALA C 132 -5.74 -3.85 -41.17
CA ALA C 132 -7.04 -4.36 -40.78
C ALA C 132 -7.28 -5.74 -41.44
N VAL C 133 -7.04 -5.81 -42.74
CA VAL C 133 -7.18 -7.06 -43.52
C VAL C 133 -6.31 -8.19 -42.95
N GLN C 134 -5.07 -7.82 -42.60
CA GLN C 134 -4.13 -8.79 -42.05
C GLN C 134 -4.57 -9.29 -40.67
N ILE C 135 -5.07 -8.39 -39.83
CA ILE C 135 -5.63 -8.82 -38.54
C ILE C 135 -6.82 -9.78 -38.78
N CYS C 136 -7.72 -9.44 -39.71
CA CYS C 136 -8.86 -10.30 -40.02
C CYS C 136 -8.46 -11.69 -40.52
N LYS C 137 -7.43 -11.76 -41.35
CA LYS C 137 -6.91 -13.02 -41.88
C LYS C 137 -6.31 -13.93 -40.80
N GLY C 138 -5.55 -13.34 -39.88
CA GLY C 138 -5.00 -14.10 -38.76
C GLY C 138 -6.12 -14.57 -37.84
N MET C 139 -7.12 -13.72 -37.62
CA MET C 139 -8.27 -14.08 -36.77
C MET C 139 -9.14 -15.15 -37.40
N ASP C 140 -9.34 -15.06 -38.72
CA ASP C 140 -10.12 -16.04 -39.44
C ASP C 140 -9.43 -17.40 -39.37
N TYR C 141 -8.10 -17.39 -39.45
CA TYR C 141 -7.33 -18.61 -39.35
C TYR C 141 -7.53 -19.25 -37.96
N LEU C 142 -7.38 -18.44 -36.91
CA LEU C 142 -7.62 -18.89 -35.54
C LEU C 142 -9.05 -19.49 -35.39
N GLY C 143 -10.03 -18.76 -35.92
CA GLY C 143 -11.44 -19.20 -35.93
C GLY C 143 -11.67 -20.54 -36.64
N SER C 144 -11.03 -20.73 -37.79
CA SER C 144 -11.09 -22.00 -38.53
C SER C 144 -10.53 -23.18 -37.70
N ARG C 145 -9.58 -22.90 -36.82
N ARG C 145 -9.57 -22.89 -36.83
CA ARG C 145 -9.04 -23.91 -35.92
CA ARG C 145 -9.03 -23.89 -35.90
C ARG C 145 -9.89 -24.05 -34.65
C ARG C 145 -9.89 -24.06 -34.66
N GLN C 146 -11.08 -23.45 -34.67
CA GLN C 146 -12.06 -23.56 -33.57
C GLN C 146 -11.63 -22.90 -32.25
N TYR C 147 -10.92 -21.78 -32.35
CA TYR C 147 -10.48 -21.00 -31.17
C TYR C 147 -11.14 -19.63 -31.10
N VAL C 148 -11.42 -19.18 -29.88
CA VAL C 148 -11.80 -17.80 -29.62
C VAL C 148 -10.66 -17.13 -28.86
N HIS C 149 -10.27 -15.94 -29.33
CA HIS C 149 -9.10 -15.21 -28.82
C HIS C 149 -9.31 -14.53 -27.48
N ARG C 150 -10.40 -13.77 -27.39
CA ARG C 150 -10.86 -13.09 -26.15
C ARG C 150 -10.01 -11.90 -25.68
N ASP C 151 -9.00 -11.49 -26.46
CA ASP C 151 -8.16 -10.37 -26.03
C ASP C 151 -7.60 -9.55 -27.19
N LEU C 152 -8.36 -9.45 -28.28
CA LEU C 152 -7.90 -8.72 -29.44
C LEU C 152 -7.95 -7.22 -29.13
N ALA C 153 -6.77 -6.61 -29.10
CA ALA C 153 -6.61 -5.19 -28.84
C ALA C 153 -5.31 -4.80 -29.55
N ALA C 154 -5.18 -3.52 -29.87
CA ALA C 154 -4.03 -2.99 -30.60
C ALA C 154 -2.72 -3.30 -29.86
N ARG C 155 -2.77 -3.33 -28.54
CA ARG C 155 -1.58 -3.65 -27.75
C ARG C 155 -1.07 -5.10 -27.98
N ASN C 156 -1.92 -5.98 -28.52
CA ASN C 156 -1.54 -7.37 -28.87
C ASN C 156 -1.29 -7.61 -30.36
N VAL C 157 -1.30 -6.55 -31.18
CA VAL C 157 -0.96 -6.63 -32.59
C VAL C 157 0.43 -6.04 -32.84
N LEU C 158 1.35 -6.89 -33.30
CA LEU C 158 2.74 -6.52 -33.50
C LEU C 158 2.99 -6.04 -34.90
N VAL C 159 3.97 -5.16 -35.04
CA VAL C 159 4.42 -4.68 -36.34
C VAL C 159 5.67 -5.42 -36.74
N GLU C 160 5.56 -6.22 -37.80
CA GLU C 160 6.68 -6.94 -38.40
C GLU C 160 7.47 -5.98 -39.28
N SER C 161 6.72 -5.18 -40.04
CA SER C 161 7.30 -4.14 -40.88
C SER C 161 6.22 -3.12 -41.11
N GLU C 162 6.58 -2.04 -41.79
CA GLU C 162 5.59 -1.03 -42.21
C GLU C 162 4.44 -1.64 -43.02
N HIS C 163 4.70 -2.76 -43.68
CA HIS C 163 3.68 -3.43 -44.49
C HIS C 163 3.03 -4.68 -43.90
N GLN C 164 3.43 -5.07 -42.69
CA GLN C 164 2.93 -6.34 -42.11
C GLN C 164 2.78 -6.28 -40.59
N VAL C 165 1.62 -6.75 -40.12
CA VAL C 165 1.39 -6.94 -38.70
C VAL C 165 1.13 -8.41 -38.40
N LYS C 166 1.21 -8.74 -37.11
CA LYS C 166 0.97 -10.10 -36.61
C LYS C 166 0.24 -10.06 -35.26
N ILE C 167 -0.76 -10.90 -35.12
CA ILE C 167 -1.36 -11.11 -33.80
C ILE C 167 -0.25 -11.68 -32.90
N GLY C 168 0.03 -11.01 -31.79
CA GLY C 168 1.24 -11.32 -30.99
C GLY C 168 1.06 -11.90 -29.59
N ASP C 169 -0.16 -12.24 -29.21
CA ASP C 169 -0.42 -12.84 -27.89
C ASP C 169 -1.71 -13.66 -27.89
N PHE C 170 -1.65 -14.77 -27.16
CA PHE C 170 -2.72 -15.76 -27.10
C PHE C 170 -2.99 -16.21 -25.68
N GLY C 171 -2.76 -15.31 -24.74
CA GLY C 171 -2.94 -15.59 -23.32
C GLY C 171 -4.31 -16.02 -22.85
N LEU C 172 -5.35 -15.56 -23.55
CA LEU C 172 -6.74 -15.90 -23.16
C LEU C 172 -7.43 -16.80 -24.19
N THR C 173 -6.69 -17.28 -25.19
CA THR C 173 -7.28 -18.03 -26.27
C THR C 173 -7.81 -19.39 -25.78
N LYS C 174 -9.01 -19.74 -26.21
CA LYS C 174 -9.73 -20.93 -25.78
C LYS C 174 -10.29 -21.70 -26.96
N ALA C 175 -10.32 -23.03 -26.83
CA ALA C 175 -10.92 -23.89 -27.83
C ALA C 175 -12.42 -23.84 -27.65
N ILE C 176 -13.14 -23.70 -28.75
CA ILE C 176 -14.56 -23.98 -28.73
C ILE C 176 -14.69 -25.47 -29.02
N GLU C 177 -15.65 -26.11 -28.36
CA GLU C 177 -15.97 -27.51 -28.62
C GLU C 177 -16.53 -27.66 -30.05
N THR C 178 -16.28 -28.81 -30.68
CA THR C 178 -16.87 -29.12 -31.99
C THR C 178 -18.41 -29.22 -31.84
N ASP C 179 -19.12 -28.66 -32.82
CA ASP C 179 -20.60 -28.58 -32.84
C ASP C 179 -21.22 -27.60 -31.81
N LYS C 180 -20.40 -26.86 -31.08
CA LYS C 180 -20.86 -25.80 -30.17
C LYS C 180 -20.45 -24.45 -30.76
N GLU C 181 -21.11 -23.37 -30.34
CA GLU C 181 -20.89 -22.03 -30.91
C GLU C 181 -20.02 -21.12 -30.03
N THR C 184 -17.67 -20.72 -22.42
CA THR C 184 -18.20 -20.13 -21.17
C THR C 184 -17.05 -19.77 -20.22
N VAL C 185 -16.97 -18.48 -19.86
CA VAL C 185 -15.87 -17.97 -19.04
C VAL C 185 -16.20 -18.03 -17.56
N LYS C 186 -15.21 -18.43 -16.77
CA LYS C 186 -15.35 -18.47 -15.32
C LYS C 186 -14.58 -17.30 -14.72
N ASP C 187 -13.28 -17.28 -14.97
CA ASP C 187 -12.40 -16.24 -14.47
C ASP C 187 -12.57 -14.99 -15.34
N ASP C 188 -13.19 -13.94 -14.79
CA ASP C 188 -13.46 -12.68 -15.52
C ASP C 188 -13.02 -11.37 -14.82
N ARG C 189 -12.34 -11.49 -13.67
CA ARG C 189 -11.80 -10.34 -12.91
C ARG C 189 -11.25 -9.26 -13.82
N ASP C 190 -10.37 -9.69 -14.72
CA ASP C 190 -9.50 -8.80 -15.46
C ASP C 190 -9.90 -8.67 -16.93
N SER C 191 -11.18 -8.86 -17.20
CA SER C 191 -11.73 -8.72 -18.55
C SER C 191 -11.48 -7.30 -19.10
N PRO C 192 -11.00 -7.19 -20.34
CA PRO C 192 -10.92 -5.89 -20.99
C PRO C 192 -12.31 -5.44 -21.45
N VAL C 193 -13.10 -4.95 -20.50
CA VAL C 193 -14.54 -4.75 -20.73
C VAL C 193 -14.85 -3.75 -21.85
N PHE C 194 -13.98 -2.78 -22.06
CA PHE C 194 -14.24 -1.78 -23.12
C PHE C 194 -14.01 -2.30 -24.53
N TRP C 195 -13.50 -3.53 -24.63
CA TRP C 195 -13.33 -4.23 -25.90
C TRP C 195 -14.31 -5.36 -26.07
N TYR C 196 -15.17 -5.56 -25.08
CA TYR C 196 -15.99 -6.76 -25.02
C TYR C 196 -17.42 -6.56 -25.49
N ALA C 197 -17.94 -7.58 -26.15
CA ALA C 197 -19.31 -7.59 -26.63
C ALA C 197 -20.31 -7.75 -25.49
N PRO C 198 -21.56 -7.33 -25.71
CA PRO C 198 -22.60 -7.40 -24.68
C PRO C 198 -22.82 -8.79 -24.07
N GLU C 199 -22.80 -9.83 -24.89
CA GLU C 199 -22.95 -11.21 -24.40
C GLU C 199 -21.81 -11.66 -23.46
N CYS C 200 -20.60 -11.11 -23.65
CA CYS C 200 -19.48 -11.42 -22.74
C CYS C 200 -19.65 -10.67 -21.43
N LEU C 201 -20.10 -9.43 -21.53
CA LEU C 201 -20.35 -8.59 -20.36
C LEU C 201 -21.56 -9.07 -19.54
N MET C 202 -22.52 -9.69 -20.21
CA MET C 202 -23.79 -10.08 -19.57
C MET C 202 -23.79 -11.54 -19.11
N GLN C 203 -23.43 -12.46 -20.00
CA GLN C 203 -23.56 -13.91 -19.73
C GLN C 203 -22.27 -14.73 -19.71
N SER C 204 -21.13 -14.07 -19.91
CA SER C 204 -19.83 -14.74 -19.92
C SER C 204 -19.73 -15.80 -21.01
N LYS C 205 -20.47 -15.62 -22.11
CA LYS C 205 -20.38 -16.51 -23.27
C LYS C 205 -19.54 -15.83 -24.35
N PHE C 206 -18.60 -16.57 -24.91
CA PHE C 206 -17.66 -16.02 -25.87
C PHE C 206 -17.69 -16.76 -27.19
N TYR C 207 -18.16 -16.06 -28.22
CA TYR C 207 -18.31 -16.58 -29.57
C TYR C 207 -17.21 -16.04 -30.45
N ILE C 208 -17.03 -16.63 -31.62
CA ILE C 208 -16.21 -16.03 -32.64
C ILE C 208 -16.75 -14.62 -32.92
N ALA C 209 -18.07 -14.51 -33.06
CA ALA C 209 -18.72 -13.20 -33.19
C ALA C 209 -18.26 -12.18 -32.13
N SER C 210 -17.92 -12.66 -30.94
CA SER C 210 -17.42 -11.78 -29.88
C SER C 210 -16.04 -11.21 -30.27
N ASP C 211 -15.22 -12.04 -30.90
CA ASP C 211 -13.89 -11.62 -31.40
C ASP C 211 -14.04 -10.58 -32.51
N VAL C 212 -15.09 -10.70 -33.32
CA VAL C 212 -15.42 -9.68 -34.31
C VAL C 212 -15.72 -8.32 -33.66
N TRP C 213 -16.51 -8.29 -32.59
CA TRP C 213 -16.76 -7.07 -31.82
C TRP C 213 -15.47 -6.40 -31.36
N SER C 214 -14.62 -7.22 -30.75
N SER C 214 -14.59 -7.21 -30.78
CA SER C 214 -13.28 -6.82 -30.32
CA SER C 214 -13.29 -6.72 -30.32
C SER C 214 -12.44 -6.24 -31.46
C SER C 214 -12.39 -6.25 -31.46
N PHE C 215 -12.51 -6.86 -32.62
CA PHE C 215 -11.80 -6.37 -33.82
C PHE C 215 -12.29 -4.96 -34.20
N GLY C 216 -13.60 -4.75 -34.15
CA GLY C 216 -14.17 -3.43 -34.40
C GLY C 216 -13.53 -2.39 -33.51
N VAL C 217 -13.37 -2.71 -32.24
CA VAL C 217 -12.75 -1.82 -31.26
C VAL C 217 -11.26 -1.62 -31.56
N THR C 218 -10.56 -2.72 -31.89
CA THR C 218 -9.18 -2.66 -32.39
C THR C 218 -8.99 -1.79 -33.65
N LEU C 219 -9.92 -1.89 -34.60
CA LEU C 219 -9.94 -1.04 -35.80
C LEU C 219 -10.06 0.45 -35.43
N HIS C 220 -10.88 0.72 -34.41
CA HIS C 220 -11.02 2.06 -33.92
C HIS C 220 -9.70 2.59 -33.38
N GLU C 221 -8.99 1.78 -32.60
CA GLU C 221 -7.66 2.15 -32.06
C GLU C 221 -6.65 2.49 -33.17
N LEU C 222 -6.62 1.61 -34.17
CA LEU C 222 -5.69 1.71 -35.29
C LEU C 222 -5.91 3.05 -36.04
N LEU C 223 -7.17 3.35 -36.33
CA LEU C 223 -7.56 4.59 -36.99
C LEU C 223 -7.32 5.86 -36.16
N THR C 224 -7.24 5.72 -34.83
CA THR C 224 -6.89 6.84 -33.94
C THR C 224 -5.40 6.79 -33.53
N TYR C 225 -4.64 5.95 -34.21
CA TYR C 225 -3.20 5.82 -34.02
C TYR C 225 -2.87 5.51 -32.58
N CYS C 226 -3.74 4.73 -31.96
CA CYS C 226 -3.63 4.36 -30.58
C CYS C 226 -3.39 5.55 -29.62
N ASP C 227 -4.00 6.70 -29.90
CA ASP C 227 -3.81 7.85 -28.98
C ASP C 227 -4.54 7.58 -27.67
N SER C 228 -3.83 7.72 -26.55
CA SER C 228 -4.38 7.39 -25.23
C SER C 228 -5.66 8.17 -24.92
N ASP C 229 -5.72 9.42 -25.38
CA ASP C 229 -6.89 10.26 -25.14
C ASP C 229 -8.08 9.90 -26.03
N SER C 230 -7.86 9.04 -27.02
CA SER C 230 -8.94 8.56 -27.90
C SER C 230 -9.18 7.06 -27.71
N SER C 231 -8.56 6.48 -26.67
CA SER C 231 -8.63 5.05 -26.45
C SER C 231 -10.06 4.64 -26.17
N PRO C 232 -10.40 3.38 -26.44
CA PRO C 232 -11.73 2.88 -26.12
C PRO C 232 -12.17 3.12 -24.67
N MET C 233 -11.26 2.92 -23.73
CA MET C 233 -11.56 3.18 -22.31
C MET C 233 -11.83 4.67 -22.06
N ALA C 234 -10.98 5.54 -22.59
CA ALA C 234 -11.15 6.99 -22.39
C ALA C 234 -12.48 7.48 -22.96
N LEU C 235 -12.85 7.01 -24.16
CA LEU C 235 -14.10 7.49 -24.79
C LEU C 235 -15.37 6.95 -24.13
N PHE C 236 -15.36 5.67 -23.76
CA PHE C 236 -16.52 5.09 -23.07
C PHE C 236 -16.73 5.72 -21.68
N LEU C 237 -15.63 5.96 -20.96
CA LEU C 237 -15.69 6.58 -19.63
C LEU C 237 -16.18 8.03 -19.71
N LYS C 238 -15.88 8.71 -20.81
CA LYS C 238 -16.48 10.01 -21.11
C LYS C 238 -17.98 9.89 -21.30
N MET C 239 -18.39 8.88 -22.07
CA MET C 239 -19.81 8.66 -22.35
C MET C 239 -20.60 8.31 -21.09
N ILE C 240 -20.15 7.27 -20.38
CA ILE C 240 -20.90 6.76 -19.21
C ILE C 240 -20.59 7.51 -17.90
N GLY C 241 -19.40 8.07 -17.78
CA GLY C 241 -18.95 8.70 -16.53
C GLY C 241 -17.80 7.91 -15.92
N PRO C 242 -16.72 8.59 -15.49
CA PRO C 242 -15.51 7.91 -15.01
C PRO C 242 -15.51 7.54 -13.52
N THR C 243 -16.56 7.88 -12.80
CA THR C 243 -16.58 7.72 -11.34
C THR C 243 -17.70 6.82 -10.86
N HIS C 244 -17.94 5.72 -11.57
CA HIS C 244 -19.00 4.78 -11.19
C HIS C 244 -18.52 3.54 -10.49
N GLY C 245 -17.21 3.37 -10.36
CA GLY C 245 -16.62 2.22 -9.67
C GLY C 245 -17.17 0.89 -10.16
N GLN C 246 -17.63 0.06 -9.22
CA GLN C 246 -18.12 -1.29 -9.55
C GLN C 246 -19.42 -1.28 -10.35
N MET C 247 -20.00 -0.11 -10.56
CA MET C 247 -21.20 0.03 -11.40
C MET C 247 -20.86 0.33 -12.86
N THR C 248 -19.57 0.44 -13.16
CA THR C 248 -19.13 0.85 -14.51
C THR C 248 -19.61 -0.10 -15.62
N VAL C 249 -19.47 -1.41 -15.40
CA VAL C 249 -19.90 -2.39 -16.42
C VAL C 249 -21.41 -2.37 -16.71
N THR C 250 -22.26 -2.31 -15.68
CA THR C 250 -23.71 -2.26 -15.90
C THR C 250 -24.06 -1.00 -16.68
N ARG C 251 -23.40 0.09 -16.33
CA ARG C 251 -23.59 1.35 -17.06
C ARG C 251 -23.08 1.29 -18.50
N LEU C 252 -22.01 0.52 -18.72
CA LEU C 252 -21.55 0.21 -20.09
C LEU C 252 -22.56 -0.63 -20.88
N VAL C 253 -23.05 -1.70 -20.25
CA VAL C 253 -24.04 -2.58 -20.88
C VAL C 253 -25.29 -1.78 -21.25
N ASN C 254 -25.68 -0.87 -20.36
CA ASN C 254 -26.88 -0.08 -20.56
C ASN C 254 -26.72 0.94 -21.70
N THR C 255 -25.54 1.54 -21.82
CA THR C 255 -25.24 2.44 -22.93
C THR C 255 -25.28 1.69 -24.27
N LEU C 256 -24.75 0.47 -24.30
CA LEU C 256 -24.74 -0.36 -25.53
C LEU C 256 -26.14 -0.87 -25.86
N LYS C 257 -26.91 -1.24 -24.83
CA LYS C 257 -28.30 -1.62 -25.02
C LYS C 257 -29.09 -0.50 -25.71
N GLU C 258 -28.82 0.74 -25.31
CA GLU C 258 -29.47 1.93 -25.91
C GLU C 258 -29.03 2.22 -27.35
N GLY C 259 -28.00 1.54 -27.84
CA GLY C 259 -27.53 1.67 -29.22
C GLY C 259 -26.32 2.57 -29.40
N LYS C 260 -25.79 3.11 -28.31
CA LYS C 260 -24.67 4.03 -28.36
C LYS C 260 -23.37 3.25 -28.62
N ARG C 261 -22.56 3.77 -29.54
CA ARG C 261 -21.27 3.14 -29.87
C ARG C 261 -20.17 4.18 -29.92
N LEU C 262 -18.93 3.73 -30.01
CA LEU C 262 -17.78 4.63 -30.20
C LEU C 262 -17.96 5.47 -31.47
N PRO C 263 -17.52 6.74 -31.44
CA PRO C 263 -17.75 7.65 -32.55
C PRO C 263 -16.76 7.45 -33.68
N CYS C 264 -17.16 7.87 -34.87
CA CYS C 264 -16.29 7.80 -36.03
C CYS C 264 -14.99 8.55 -35.74
N PRO C 265 -13.84 7.86 -35.88
CA PRO C 265 -12.58 8.56 -35.67
C PRO C 265 -12.44 9.74 -36.61
N PRO C 266 -11.66 10.75 -36.21
CA PRO C 266 -11.37 11.86 -37.12
C PRO C 266 -10.77 11.36 -38.44
N ASN C 267 -11.23 11.94 -39.55
CA ASN C 267 -10.70 11.61 -40.88
C ASN C 267 -10.96 10.17 -41.36
N CYS C 268 -11.73 9.40 -40.61
CA CYS C 268 -12.13 8.08 -41.06
C CYS C 268 -13.37 8.22 -41.94
N PRO C 269 -13.30 7.76 -43.21
CA PRO C 269 -14.47 7.82 -44.08
C PRO C 269 -15.65 7.01 -43.58
N ASP C 270 -16.85 7.41 -43.97
CA ASP C 270 -18.07 6.77 -43.52
C ASP C 270 -18.13 5.31 -43.94
N GLU C 271 -17.68 5.01 -45.14
CA GLU C 271 -17.68 3.63 -45.63
C GLU C 271 -16.80 2.69 -44.79
N VAL C 272 -15.71 3.23 -44.24
CA VAL C 272 -14.89 2.46 -43.31
C VAL C 272 -15.65 2.38 -41.99
N TYR C 273 -16.22 3.50 -41.56
CA TYR C 273 -16.96 3.52 -40.30
C TYR C 273 -18.13 2.54 -40.32
N GLN C 274 -18.78 2.37 -41.46
CA GLN C 274 -19.90 1.43 -41.57
C GLN C 274 -19.46 -0.03 -41.43
N LEU C 275 -18.26 -0.38 -41.89
CA LEU C 275 -17.72 -1.73 -41.67
C LEU C 275 -17.48 -1.96 -40.18
N MET C 276 -16.94 -0.95 -39.51
CA MET C 276 -16.70 -0.96 -38.08
C MET C 276 -18.00 -1.19 -37.31
N ARG C 277 -19.05 -0.45 -37.66
CA ARG C 277 -20.36 -0.59 -37.02
C ARG C 277 -21.02 -1.96 -37.19
N LYS C 278 -20.74 -2.68 -38.28
CA LYS C 278 -21.23 -4.05 -38.45
C LYS C 278 -20.59 -5.06 -37.47
N CYS C 279 -19.41 -4.73 -36.96
CA CYS C 279 -18.77 -5.52 -35.90
C CYS C 279 -19.50 -5.38 -34.57
N TRP C 280 -20.28 -4.30 -34.45
CA TRP C 280 -20.89 -3.93 -33.19
C TRP C 280 -22.39 -4.03 -33.16
N GLU C 281 -22.95 -4.98 -33.90
CA GLU C 281 -24.36 -5.34 -33.75
C GLU C 281 -24.57 -5.93 -32.37
N PHE C 282 -25.71 -5.65 -31.74
CA PHE C 282 -25.91 -6.08 -30.35
C PHE C 282 -25.94 -7.60 -30.29
N GLN C 283 -26.66 -8.21 -31.23
CA GLN C 283 -26.78 -9.67 -31.34
C GLN C 283 -25.61 -10.22 -32.15
N PRO C 284 -24.90 -11.23 -31.62
CA PRO C 284 -23.78 -11.89 -32.31
C PRO C 284 -24.12 -12.35 -33.73
N SER C 285 -25.30 -12.95 -33.87
CA SER C 285 -25.74 -13.52 -35.15
C SER C 285 -25.86 -12.50 -36.27
N ASN C 286 -26.13 -11.24 -35.92
CA ASN C 286 -26.25 -10.15 -36.89
C ASN C 286 -24.93 -9.46 -37.26
N ARG C 287 -23.82 -9.88 -36.66
CA ARG C 287 -22.52 -9.26 -36.94
C ARG C 287 -21.87 -9.76 -38.20
N THR C 288 -21.10 -8.89 -38.83
CA THR C 288 -20.26 -9.31 -39.96
C THR C 288 -19.30 -10.43 -39.54
N SER C 289 -18.85 -11.20 -40.52
CA SER C 289 -17.83 -12.22 -40.34
C SER C 289 -16.48 -11.60 -40.65
N PHE C 290 -15.40 -12.31 -40.32
CA PHE C 290 -14.05 -11.89 -40.70
C PHE C 290 -13.89 -11.95 -42.22
N GLN C 291 -14.34 -13.04 -42.85
CA GLN C 291 -14.32 -13.13 -44.32
C GLN C 291 -15.01 -11.96 -45.02
N ASN C 292 -16.17 -11.56 -44.50
N ASN C 292 -16.19 -11.59 -44.51
CA ASN C 292 -16.91 -10.43 -45.06
CA ASN C 292 -16.92 -10.40 -45.00
C ASN C 292 -16.21 -9.08 -44.85
C ASN C 292 -16.11 -9.13 -44.90
N LEU C 293 -15.56 -8.90 -43.71
CA LEU C 293 -14.74 -7.71 -43.45
C LEU C 293 -13.57 -7.62 -44.44
N ILE C 294 -12.93 -8.75 -44.71
CA ILE C 294 -11.80 -8.83 -45.63
C ILE C 294 -12.21 -8.40 -47.05
N GLU C 295 -13.32 -8.95 -47.52
CA GLU C 295 -13.88 -8.55 -48.80
C GLU C 295 -14.24 -7.05 -48.82
N GLY C 296 -14.85 -6.59 -47.74
CA GLY C 296 -15.17 -5.16 -47.57
C GLY C 296 -13.96 -4.23 -47.65
N PHE C 297 -12.89 -4.56 -46.91
CA PHE C 297 -11.68 -3.73 -46.91
C PHE C 297 -10.96 -3.77 -48.25
N GLU C 298 -10.90 -4.96 -48.83
CA GLU C 298 -10.27 -5.14 -50.14
C GLU C 298 -11.00 -4.37 -51.25
N ALA C 299 -12.32 -4.25 -51.13
CA ALA C 299 -13.11 -3.44 -52.06
C ALA C 299 -12.74 -1.95 -52.00
N LEU C 300 -12.47 -1.44 -50.79
CA LEU C 300 -12.12 -0.04 -50.61
C LEU C 300 -10.70 0.24 -51.06
N LEU C 301 -9.85 -0.78 -50.96
CA LEU C 301 -8.44 -0.69 -51.32
C LEU C 301 -8.22 -0.60 -52.83
N LYS C 302 -9.07 -1.27 -53.61
CA LYS C 302 -9.00 -1.23 -55.07
C LYS C 302 -10.37 -1.04 -55.71
N GLU D 12 -32.81 35.03 23.48
CA GLU D 12 -33.55 33.75 23.72
C GLU D 12 -32.66 32.55 23.43
N VAL D 13 -32.69 31.56 24.32
CA VAL D 13 -31.89 30.34 24.15
C VAL D 13 -32.64 29.32 23.29
N ASP D 14 -31.97 28.80 22.27
CA ASP D 14 -32.58 27.83 21.35
C ASP D 14 -32.08 26.44 21.75
N PRO D 15 -33.01 25.55 22.16
CA PRO D 15 -32.63 24.20 22.60
C PRO D 15 -32.18 23.27 21.46
N THR D 16 -32.36 23.70 20.21
CA THR D 16 -31.91 22.94 19.06
C THR D 16 -30.56 23.44 18.55
N HIS D 17 -29.98 24.41 19.25
CA HIS D 17 -28.69 24.96 18.88
C HIS D 17 -27.61 24.53 19.86
N PHE D 18 -26.73 23.68 19.37
CA PHE D 18 -25.66 23.09 20.18
C PHE D 18 -24.36 23.80 19.86
N GLU D 19 -23.70 24.37 20.87
CA GLU D 19 -22.43 25.05 20.67
C GLU D 19 -21.30 24.05 20.51
N LYS D 20 -20.45 24.28 19.51
CA LYS D 20 -19.33 23.40 19.20
C LYS D 20 -18.43 23.19 20.43
N ARG D 21 -18.20 24.27 21.20
CA ARG D 21 -17.22 24.24 22.29
C ARG D 21 -17.61 23.29 23.43
N PHE D 22 -18.90 22.94 23.55
CA PHE D 22 -19.34 21.98 24.58
C PHE D 22 -19.63 20.57 24.04
N LEU D 23 -19.43 20.35 22.76
CA LEU D 23 -19.70 19.07 22.10
C LEU D 23 -18.44 18.21 22.11
N LYS D 24 -18.40 17.23 23.01
CA LYS D 24 -17.16 16.49 23.29
C LYS D 24 -17.23 15.05 22.76
N ARG D 25 -16.33 14.74 21.83
CA ARG D 25 -16.26 13.42 21.20
C ARG D 25 -16.00 12.30 22.22
N ILE D 26 -16.74 11.20 22.08
CA ILE D 26 -16.47 9.98 22.85
C ILE D 26 -15.93 8.91 21.92
N ARG D 27 -16.69 8.58 20.88
CA ARG D 27 -16.27 7.55 19.92
C ARG D 27 -17.07 7.60 18.62
N ASP D 28 -16.62 6.83 17.64
CA ASP D 28 -17.34 6.67 16.36
C ASP D 28 -18.50 5.69 16.49
N LEU D 29 -19.63 6.03 15.86
CA LEU D 29 -20.80 5.13 15.77
C LEU D 29 -20.96 4.52 14.38
N GLY D 30 -20.56 5.24 13.35
CA GLY D 30 -20.45 4.68 12.01
C GLY D 30 -19.89 5.69 11.03
N GLU D 31 -19.64 5.24 9.81
CA GLU D 31 -19.32 6.17 8.76
C GLU D 31 -19.75 5.68 7.40
N GLY D 32 -19.98 6.67 6.54
CA GLY D 32 -20.09 6.45 5.11
C GLY D 32 -18.84 6.96 4.42
N HIS D 33 -18.94 7.11 3.12
CA HIS D 33 -17.85 7.64 2.33
C HIS D 33 -17.59 9.06 2.74
N PHE D 34 -18.66 9.88 2.76
CA PHE D 34 -18.58 11.33 2.95
C PHE D 34 -18.93 11.89 4.34
N GLY D 35 -19.63 11.10 5.15
CA GLY D 35 -20.02 11.52 6.49
C GLY D 35 -19.67 10.51 7.57
N LYS D 36 -19.62 10.98 8.81
CA LYS D 36 -19.40 10.11 9.97
C LYS D 36 -20.36 10.51 11.09
N VAL D 37 -20.73 9.53 11.90
CA VAL D 37 -21.53 9.75 13.10
C VAL D 37 -20.72 9.36 14.34
N GLU D 38 -20.68 10.27 15.30
CA GLU D 38 -19.93 10.05 16.53
C GLU D 38 -20.86 10.16 17.72
N LEU D 39 -20.56 9.39 18.76
CA LEU D 39 -21.11 9.59 20.07
C LEU D 39 -20.35 10.74 20.74
N CYS D 40 -21.11 11.72 21.21
CA CYS D 40 -20.55 12.87 21.90
C CYS D 40 -21.33 13.09 23.17
N ARG D 41 -20.72 13.80 24.11
CA ARG D 41 -21.41 14.35 25.26
C ARG D 41 -21.53 15.84 25.04
N TYR D 42 -22.74 16.39 25.14
CA TYR D 42 -22.92 17.83 25.09
C TYR D 42 -22.80 18.27 26.54
N ASP D 43 -21.66 18.86 26.89
CA ASP D 43 -21.27 19.02 28.30
C ASP D 43 -20.94 20.47 28.67
N PRO D 44 -21.95 21.37 28.62
CA PRO D 44 -21.73 22.78 28.93
C PRO D 44 -21.15 23.03 30.32
N GLU D 45 -21.59 22.23 31.30
CA GLU D 45 -21.17 22.41 32.67
C GLU D 45 -19.78 21.84 32.90
N GLY D 46 -19.33 21.00 31.96
CA GLY D 46 -17.93 20.65 31.86
C GLY D 46 -17.45 19.56 32.82
N ASP D 47 -18.36 18.76 33.34
CA ASP D 47 -18.04 17.78 34.39
C ASP D 47 -18.40 16.33 34.02
N ASN D 48 -18.53 16.07 32.73
CA ASN D 48 -18.94 14.76 32.23
C ASN D 48 -20.35 14.32 32.66
N THR D 49 -21.24 15.27 32.90
CA THR D 49 -22.63 14.96 33.26
C THR D 49 -23.63 15.19 32.13
N GLY D 50 -23.20 15.91 31.09
CA GLY D 50 -24.08 16.28 30.01
C GLY D 50 -24.69 15.12 29.22
N GLU D 51 -25.72 15.45 28.45
CA GLU D 51 -26.45 14.49 27.63
C GLU D 51 -25.56 13.88 26.56
N GLN D 52 -25.66 12.57 26.34
CA GLN D 52 -25.00 11.92 25.21
C GLN D 52 -25.86 12.07 23.96
N VAL D 53 -25.24 12.39 22.83
CA VAL D 53 -25.94 12.60 21.58
C VAL D 53 -25.15 11.98 20.44
N ALA D 54 -25.85 11.66 19.36
CA ALA D 54 -25.23 11.20 18.12
C ALA D 54 -25.01 12.41 17.21
N VAL D 55 -23.79 12.58 16.71
CA VAL D 55 -23.45 13.74 15.88
C VAL D 55 -22.95 13.33 14.50
N LYS D 56 -23.67 13.75 13.46
CA LYS D 56 -23.22 13.53 12.10
C LYS D 56 -22.48 14.76 11.56
N SER D 57 -21.30 14.51 11.02
CA SER D 57 -20.39 15.52 10.46
C SER D 57 -19.95 15.10 9.06
N LEU D 58 -19.43 16.05 8.29
CA LEU D 58 -18.78 15.72 7.02
C LEU D 58 -17.32 15.36 7.30
N LYS D 59 -16.82 14.33 6.62
CA LYS D 59 -15.40 13.97 6.73
C LYS D 59 -14.56 15.00 5.98
N HIS D 66 -20.48 18.43 -0.54
CA HIS D 66 -21.27 17.55 0.34
C HIS D 66 -22.06 18.28 1.42
N ILE D 67 -21.70 19.54 1.70
CA ILE D 67 -22.42 20.35 2.69
C ILE D 67 -23.91 20.50 2.35
N ALA D 68 -24.23 20.69 1.08
CA ALA D 68 -25.63 20.84 0.64
C ALA D 68 -26.45 19.57 0.93
N ASP D 69 -25.85 18.41 0.71
CA ASP D 69 -26.51 17.13 0.98
C ASP D 69 -26.85 16.95 2.46
N LEU D 70 -25.90 17.28 3.35
CA LEU D 70 -26.11 17.18 4.78
C LEU D 70 -27.22 18.12 5.25
N LYS D 71 -27.25 19.34 4.72
CA LYS D 71 -28.34 20.27 5.00
C LYS D 71 -29.70 19.71 4.57
N LYS D 72 -29.76 19.05 3.42
CA LYS D 72 -31.00 18.41 2.94
C LYS D 72 -31.43 17.29 3.91
N GLU D 73 -30.49 16.48 4.35
CA GLU D 73 -30.78 15.41 5.30
C GLU D 73 -31.35 15.95 6.64
N ILE D 74 -30.72 17.00 7.16
CA ILE D 74 -31.15 17.65 8.39
C ILE D 74 -32.59 18.16 8.26
N GLU D 75 -32.87 18.84 7.17
CA GLU D 75 -34.19 19.36 6.93
C GLU D 75 -35.24 18.24 6.76
N ILE D 76 -34.84 17.11 6.16
CA ILE D 76 -35.73 15.94 6.06
C ILE D 76 -36.02 15.38 7.47
N LEU D 77 -34.96 15.11 8.23
CA LEU D 77 -35.13 14.46 9.54
C LEU D 77 -35.91 15.30 10.56
N ARG D 78 -35.63 16.59 10.59
CA ARG D 78 -36.23 17.56 11.50
C ARG D 78 -37.76 17.57 11.41
N ASN D 79 -38.26 17.22 10.23
CA ASN D 79 -39.69 17.27 9.94
C ASN D 79 -40.30 15.87 9.84
N LEU D 80 -39.56 14.85 10.29
CA LEU D 80 -40.09 13.50 10.41
C LEU D 80 -40.45 13.28 11.88
N TYR D 81 -41.68 12.82 12.13
CA TYR D 81 -42.20 12.61 13.48
C TYR D 81 -42.88 11.25 13.53
N HIS D 82 -42.14 10.24 13.96
CA HIS D 82 -42.66 8.87 14.03
C HIS D 82 -41.91 8.12 15.07
N GLU D 83 -42.60 7.28 15.83
CA GLU D 83 -41.93 6.57 16.93
C GLU D 83 -40.86 5.58 16.49
N ASN D 84 -40.91 5.18 15.23
CA ASN D 84 -39.91 4.29 14.63
C ASN D 84 -38.93 5.03 13.70
N ILE D 85 -38.82 6.33 13.91
CA ILE D 85 -37.78 7.15 13.24
C ILE D 85 -37.00 7.90 14.31
N VAL D 86 -35.67 7.81 14.22
CA VAL D 86 -34.75 8.43 15.20
C VAL D 86 -35.00 9.94 15.33
N LYS D 87 -34.87 10.44 16.55
N LYS D 87 -34.89 10.44 16.56
CA LYS D 87 -35.24 11.84 16.83
CA LYS D 87 -35.24 11.85 16.83
C LYS D 87 -34.13 12.84 16.53
C LYS D 87 -34.12 12.81 16.48
N TYR D 88 -34.46 13.83 15.70
CA TYR D 88 -33.62 15.01 15.52
C TYR D 88 -33.59 15.78 16.84
N LYS D 89 -32.41 16.25 17.25
CA LYS D 89 -32.28 17.14 18.41
C LYS D 89 -31.85 18.56 18.06
N GLY D 90 -31.08 18.72 16.99
CA GLY D 90 -30.62 20.03 16.61
C GLY D 90 -29.44 20.06 15.67
N ILE D 91 -28.78 21.22 15.63
CA ILE D 91 -27.63 21.44 14.79
C ILE D 91 -26.50 22.13 15.57
N CYS D 92 -25.29 21.95 15.07
CA CYS D 92 -24.15 22.72 15.53
C CYS D 92 -23.56 23.45 14.31
N THR D 93 -23.50 24.78 14.39
CA THR D 93 -23.04 25.60 13.27
C THR D 93 -21.95 26.58 13.71
N GLY D 96 -20.44 33.57 8.09
CA GLY D 96 -19.36 33.39 9.06
C GLY D 96 -19.25 31.96 9.60
N GLY D 97 -19.39 30.98 8.71
CA GLY D 97 -19.37 29.57 9.11
C GLY D 97 -19.58 28.60 7.95
N ASN D 98 -20.78 28.64 7.38
CA ASN D 98 -21.20 27.74 6.27
C ASN D 98 -20.52 26.36 6.34
N GLY D 99 -20.99 25.60 7.33
CA GLY D 99 -20.46 24.29 7.77
C GLY D 99 -21.37 23.89 8.93
N ILE D 100 -21.78 22.63 9.00
CA ILE D 100 -22.86 22.24 9.91
C ILE D 100 -22.71 20.80 10.42
N LYS D 101 -23.24 20.51 11.61
CA LYS D 101 -23.35 19.13 12.12
C LYS D 101 -24.80 18.85 12.54
N LEU D 102 -25.26 17.61 12.31
CA LEU D 102 -26.60 17.15 12.70
C LEU D 102 -26.55 16.42 14.04
N ILE D 103 -27.37 16.88 15.00
CA ILE D 103 -27.45 16.29 16.33
C ILE D 103 -28.76 15.45 16.42
N MET D 104 -28.61 14.19 16.81
CA MET D 104 -29.73 13.28 16.95
C MET D 104 -29.67 12.68 18.34
N GLU D 105 -30.78 12.10 18.78
CA GLU D 105 -30.73 11.28 19.99
C GLU D 105 -29.76 10.10 19.81
N PHE D 106 -29.09 9.73 20.90
CA PHE D 106 -28.22 8.54 20.94
C PHE D 106 -28.95 7.34 21.53
N LEU D 107 -29.02 6.24 20.78
CA LEU D 107 -29.62 5.00 21.29
C LEU D 107 -28.50 4.05 21.76
N PRO D 108 -28.30 3.94 23.09
CA PRO D 108 -27.24 3.10 23.68
C PRO D 108 -27.18 1.62 23.24
N SER D 109 -28.30 1.00 22.90
CA SER D 109 -28.22 -0.40 22.41
C SER D 109 -27.65 -0.54 21.00
N GLY D 110 -27.53 0.57 20.29
CA GLY D 110 -26.92 0.58 18.98
C GLY D 110 -27.83 0.06 17.88
N SER D 111 -27.22 -0.37 16.79
CA SER D 111 -27.98 -0.93 15.66
C SER D 111 -28.27 -2.40 15.90
N LEU D 112 -29.16 -2.97 15.07
CA LEU D 112 -29.41 -4.39 15.09
C LEU D 112 -28.11 -5.21 14.82
N LYS D 113 -27.22 -4.64 14.03
CA LYS D 113 -25.90 -5.22 13.79
C LYS D 113 -25.10 -5.50 15.08
N GLU D 114 -25.20 -4.60 16.04
CA GLU D 114 -24.52 -4.76 17.35
C GLU D 114 -25.39 -5.51 18.36
N TYR D 115 -26.68 -5.20 18.33
CA TYR D 115 -27.61 -5.69 19.34
C TYR D 115 -27.99 -7.16 19.16
N LEU D 116 -28.36 -7.54 17.94
CA LEU D 116 -28.85 -8.90 17.68
C LEU D 116 -27.85 -10.02 18.04
N PRO D 117 -26.59 -9.90 17.60
CA PRO D 117 -25.66 -10.98 17.96
C PRO D 117 -25.44 -11.18 19.47
N LYS D 118 -25.65 -10.12 20.25
CA LYS D 118 -25.42 -10.12 21.69
C LYS D 118 -26.66 -10.52 22.49
N ASN D 119 -27.84 -10.58 21.85
CA ASN D 119 -29.09 -10.79 22.58
C ASN D 119 -30.00 -11.87 21.98
N LYS D 120 -29.40 -12.78 21.20
CA LYS D 120 -30.11 -13.96 20.69
C LYS D 120 -31.03 -14.64 21.69
N ASN D 121 -30.49 -14.96 22.87
CA ASN D 121 -31.24 -15.64 23.94
C ASN D 121 -32.49 -14.88 24.36
N LYS D 122 -32.46 -13.57 24.15
CA LYS D 122 -33.52 -12.64 24.57
C LYS D 122 -34.60 -12.50 23.50
N ILE D 123 -34.19 -12.47 22.23
CA ILE D 123 -35.03 -12.08 21.11
C ILE D 123 -35.49 -13.28 20.31
N ASN D 124 -36.75 -13.65 20.45
CA ASN D 124 -37.34 -14.76 19.70
C ASN D 124 -38.09 -14.28 18.46
N LEU D 125 -38.63 -15.21 17.68
CA LEU D 125 -39.28 -14.93 16.41
C LEU D 125 -40.38 -13.89 16.53
N LYS D 126 -41.20 -14.02 17.55
CA LYS D 126 -42.27 -13.06 17.79
C LYS D 126 -41.74 -11.61 17.93
N GLN D 127 -40.63 -11.45 18.65
CA GLN D 127 -40.02 -10.12 18.81
C GLN D 127 -39.44 -9.63 17.49
N GLN D 128 -38.85 -10.55 16.73
CA GLN D 128 -38.35 -10.28 15.38
C GLN D 128 -39.44 -9.78 14.46
N LEU D 129 -40.64 -10.37 14.54
CA LEU D 129 -41.71 -9.97 13.67
C LEU D 129 -42.27 -8.63 14.09
N LYS D 130 -42.17 -8.29 15.38
CA LYS D 130 -42.60 -6.99 15.88
C LYS D 130 -41.65 -5.89 15.38
N TYR D 131 -40.34 -6.15 15.42
CA TYR D 131 -39.37 -5.25 14.84
C TYR D 131 -39.68 -5.03 13.36
N ALA D 132 -40.00 -6.10 12.65
CA ALA D 132 -40.28 -6.04 11.22
C ALA D 132 -41.45 -5.10 10.92
N VAL D 133 -42.53 -5.24 11.69
CA VAL D 133 -43.71 -4.36 11.58
C VAL D 133 -43.33 -2.89 11.82
N GLN D 134 -42.51 -2.65 12.82
CA GLN D 134 -42.08 -1.29 13.18
C GLN D 134 -41.23 -0.68 12.08
N ILE D 135 -40.29 -1.45 11.56
CA ILE D 135 -39.52 -0.99 10.40
C ILE D 135 -40.48 -0.61 9.28
N CYS D 136 -41.47 -1.46 9.00
CA CYS D 136 -42.44 -1.21 7.95
C CYS D 136 -43.28 0.05 8.19
N LYS D 137 -43.68 0.29 9.44
CA LYS D 137 -44.41 1.51 9.78
C LYS D 137 -43.58 2.78 9.54
N GLY D 138 -42.32 2.77 9.99
CA GLY D 138 -41.41 3.86 9.75
C GLY D 138 -41.21 4.13 8.26
N MET D 139 -41.05 3.06 7.49
CA MET D 139 -40.85 3.17 6.04
C MET D 139 -42.10 3.66 5.32
N ASP D 140 -43.26 3.20 5.76
CA ASP D 140 -44.51 3.59 5.14
C ASP D 140 -44.79 5.06 5.39
N TYR D 141 -44.42 5.52 6.58
CA TYR D 141 -44.50 6.94 6.93
C TYR D 141 -43.63 7.77 6.00
N LEU D 142 -42.37 7.34 5.84
CA LEU D 142 -41.43 7.97 4.92
C LEU D 142 -41.97 8.01 3.48
N GLY D 143 -42.51 6.88 3.03
CA GLY D 143 -43.11 6.75 1.69
C GLY D 143 -44.29 7.68 1.44
N SER D 144 -45.15 7.85 2.44
CA SER D 144 -46.28 8.78 2.35
C SER D 144 -45.82 10.24 2.23
N ARG D 145 -44.63 10.55 2.73
N ARG D 145 -44.63 10.54 2.73
CA ARG D 145 -44.02 11.87 2.58
CA ARG D 145 -44.00 11.86 2.58
C ARG D 145 -43.26 12.01 1.25
C ARG D 145 -43.27 12.01 1.23
N GLN D 146 -43.46 11.04 0.33
CA GLN D 146 -42.83 11.04 -1.00
C GLN D 146 -41.29 10.98 -0.97
N TYR D 147 -40.72 10.23 -0.03
CA TYR D 147 -39.28 9.98 0.02
C TYR D 147 -38.94 8.51 -0.27
N VAL D 148 -37.76 8.30 -0.84
CA VAL D 148 -37.14 6.98 -0.91
C VAL D 148 -35.84 7.00 -0.08
N HIS D 149 -35.67 5.94 0.70
CA HIS D 149 -34.56 5.84 1.67
C HIS D 149 -33.23 5.51 1.07
N ARG D 150 -33.21 4.43 0.29
CA ARG D 150 -32.06 3.98 -0.51
C ARG D 150 -30.91 3.30 0.25
N ASP D 151 -31.08 3.09 1.56
CA ASP D 151 -30.02 2.52 2.35
C ASP D 151 -30.58 1.73 3.52
N LEU D 152 -31.74 1.10 3.32
CA LEU D 152 -32.35 0.30 4.38
C LEU D 152 -31.52 -0.98 4.55
N ALA D 153 -30.93 -1.10 5.72
CA ALA D 153 -30.16 -2.27 6.13
C ALA D 153 -30.12 -2.30 7.66
N ALA D 154 -29.80 -3.46 8.21
CA ALA D 154 -29.90 -3.68 9.64
C ALA D 154 -28.95 -2.75 10.38
N ARG D 155 -27.82 -2.39 9.76
CA ARG D 155 -26.87 -1.47 10.39
C ARG D 155 -27.42 -0.05 10.61
N ASN D 156 -28.48 0.31 9.91
CA ASN D 156 -29.15 1.62 10.06
C ASN D 156 -30.47 1.55 10.83
N VAL D 157 -30.74 0.38 11.41
CA VAL D 157 -31.88 0.20 12.31
C VAL D 157 -31.43 0.13 13.76
N LEU D 158 -31.90 1.08 14.55
CA LEU D 158 -31.46 1.25 15.92
C LEU D 158 -32.40 0.58 16.89
N VAL D 159 -31.87 0.15 18.02
CA VAL D 159 -32.63 -0.48 19.11
C VAL D 159 -32.87 0.54 20.21
N GLU D 160 -34.13 0.96 20.38
CA GLU D 160 -34.55 1.88 21.44
C GLU D 160 -34.68 1.12 22.76
N SER D 161 -35.25 -0.06 22.65
CA SER D 161 -35.41 -0.99 23.78
C SER D 161 -35.66 -2.36 23.21
N GLU D 162 -35.68 -3.34 24.09
CA GLU D 162 -35.99 -4.72 23.70
C GLU D 162 -37.27 -4.79 22.88
N HIS D 163 -38.17 -3.84 23.07
CA HIS D 163 -39.47 -3.83 22.37
C HIS D 163 -39.65 -2.82 21.26
N GLN D 164 -38.62 -2.05 20.92
CA GLN D 164 -38.79 -0.95 19.92
C GLN D 164 -37.52 -0.65 19.13
N VAL D 165 -37.67 -0.55 17.81
CA VAL D 165 -36.57 -0.15 16.91
C VAL D 165 -36.92 1.16 16.21
N LYS D 166 -35.89 1.82 15.68
CA LYS D 166 -36.04 3.08 14.95
C LYS D 166 -35.13 3.08 13.72
N ILE D 167 -35.64 3.62 12.61
CA ILE D 167 -34.80 3.88 11.46
C ILE D 167 -33.88 5.04 11.86
N GLY D 168 -32.58 4.80 11.74
CA GLY D 168 -31.56 5.60 12.42
C GLY D 168 -30.63 6.44 11.56
N ASP D 169 -30.79 6.39 10.25
CA ASP D 169 -29.95 7.19 9.32
C ASP D 169 -30.67 7.47 8.02
N PHE D 170 -30.47 8.66 7.47
CA PHE D 170 -31.18 9.14 6.30
C PHE D 170 -30.22 9.81 5.28
N GLY D 171 -28.97 9.36 5.31
CA GLY D 171 -27.90 9.91 4.47
C GLY D 171 -28.12 9.87 2.97
N LEU D 172 -28.92 8.92 2.48
CA LEU D 172 -29.22 8.79 1.04
C LEU D 172 -30.67 9.07 0.67
N THR D 173 -31.46 9.49 1.65
CA THR D 173 -32.87 9.67 1.42
C THR D 173 -33.09 10.81 0.41
N LYS D 174 -33.98 10.57 -0.56
CA LYS D 174 -34.28 11.52 -1.65
C LYS D 174 -35.78 11.68 -1.80
N ALA D 175 -36.18 12.88 -2.19
CA ALA D 175 -37.57 13.16 -2.53
C ALA D 175 -37.87 12.58 -3.91
N ILE D 176 -39.04 11.97 -4.04
CA ILE D 176 -39.63 11.66 -5.34
C ILE D 176 -40.51 12.83 -5.71
N GLU D 177 -40.36 13.32 -6.93
CA GLU D 177 -41.21 14.40 -7.46
C GLU D 177 -42.70 14.02 -7.49
N THR D 178 -43.57 15.00 -7.24
CA THR D 178 -45.02 14.81 -7.35
C THR D 178 -45.36 14.33 -8.77
N ASP D 179 -46.26 13.34 -8.85
CA ASP D 179 -46.68 12.71 -10.13
C ASP D 179 -45.54 11.94 -10.85
N LYS D 180 -44.51 11.55 -10.10
CA LYS D 180 -43.43 10.67 -10.61
C LYS D 180 -43.27 9.51 -9.65
N GLU D 181 -42.94 8.33 -10.16
CA GLU D 181 -42.91 7.11 -9.33
C GLU D 181 -41.52 6.79 -8.78
N THR D 184 -34.09 9.08 -9.96
CA THR D 184 -33.00 8.69 -10.82
C THR D 184 -31.68 9.10 -10.17
N VAL D 185 -30.80 8.16 -9.86
CA VAL D 185 -29.54 8.51 -9.19
C VAL D 185 -28.36 8.68 -10.13
N LYS D 186 -27.42 9.51 -9.71
CA LYS D 186 -26.21 9.75 -10.48
C LYS D 186 -25.01 9.16 -9.76
N ASP D 187 -24.82 9.58 -8.51
CA ASP D 187 -23.73 9.07 -7.67
C ASP D 187 -24.06 7.65 -7.16
N ASP D 188 -23.40 6.64 -7.74
CA ASP D 188 -23.67 5.22 -7.41
C ASP D 188 -22.44 4.39 -7.04
N ARG D 189 -21.27 5.02 -6.98
CA ARG D 189 -20.00 4.39 -6.57
C ARG D 189 -20.16 3.40 -5.43
N ASP D 190 -20.90 3.81 -4.41
CA ASP D 190 -20.90 3.12 -3.14
C ASP D 190 -22.25 2.53 -2.80
N SER D 191 -22.97 2.09 -3.84
CA SER D 191 -24.28 1.47 -3.69
C SER D 191 -24.17 0.15 -2.94
N PRO D 192 -25.00 -0.06 -1.90
CA PRO D 192 -25.01 -1.35 -1.20
C PRO D 192 -25.71 -2.39 -2.05
N VAL D 193 -24.96 -2.92 -3.02
CA VAL D 193 -25.58 -3.64 -4.15
C VAL D 193 -26.35 -4.89 -3.72
N PHE D 194 -25.89 -5.55 -2.66
CA PHE D 194 -26.52 -6.79 -2.21
C PHE D 194 -27.85 -6.53 -1.47
N TRP D 195 -28.20 -5.26 -1.30
CA TRP D 195 -29.49 -4.83 -0.77
C TRP D 195 -30.39 -4.20 -1.82
N TYR D 196 -29.89 -4.10 -3.07
CA TYR D 196 -30.55 -3.32 -4.14
C TYR D 196 -31.37 -4.17 -5.13
N ALA D 197 -32.53 -3.63 -5.50
CA ALA D 197 -33.43 -4.26 -6.45
C ALA D 197 -32.85 -4.21 -7.87
N PRO D 198 -33.24 -5.15 -8.74
CA PRO D 198 -32.70 -5.15 -10.11
C PRO D 198 -32.76 -3.79 -10.84
N GLU D 199 -33.87 -3.07 -10.74
CA GLU D 199 -34.03 -1.77 -11.43
C GLU D 199 -33.03 -0.70 -10.96
N CYS D 200 -32.65 -0.76 -9.69
CA CYS D 200 -31.62 0.13 -9.16
C CYS D 200 -30.28 -0.26 -9.73
N LEU D 201 -30.03 -1.56 -9.81
CA LEU D 201 -28.76 -2.09 -10.29
C LEU D 201 -28.60 -1.91 -11.81
N MET D 202 -29.71 -1.98 -12.54
CA MET D 202 -29.66 -1.95 -14.00
C MET D 202 -29.78 -0.54 -14.57
N GLN D 203 -30.70 0.25 -14.02
CA GLN D 203 -31.05 1.56 -14.57
C GLN D 203 -30.86 2.77 -13.64
N SER D 204 -30.46 2.52 -12.39
CA SER D 204 -30.28 3.61 -11.42
C SER D 204 -31.58 4.39 -11.17
N LYS D 205 -32.70 3.67 -11.22
CA LYS D 205 -34.00 4.20 -10.86
C LYS D 205 -34.44 3.62 -9.53
N PHE D 206 -34.95 4.48 -8.64
CA PHE D 206 -35.34 4.08 -7.29
C PHE D 206 -36.79 4.36 -6.97
N TYR D 207 -37.56 3.30 -6.72
CA TYR D 207 -38.98 3.40 -6.39
C TYR D 207 -39.18 3.11 -4.91
N ILE D 208 -40.35 3.45 -4.39
CA ILE D 208 -40.77 2.94 -3.09
C ILE D 208 -40.64 1.41 -3.09
N ALA D 209 -41.06 0.76 -4.18
CA ALA D 209 -40.91 -0.69 -4.34
C ALA D 209 -39.47 -1.13 -4.20
N SER D 210 -38.54 -0.24 -4.55
CA SER D 210 -37.12 -0.50 -4.37
C SER D 210 -36.74 -0.54 -2.89
N ASP D 211 -37.37 0.32 -2.07
CA ASP D 211 -37.19 0.27 -0.62
C ASP D 211 -37.79 -1.01 -0.01
N VAL D 212 -38.87 -1.49 -0.60
CA VAL D 212 -39.52 -2.75 -0.20
C VAL D 212 -38.57 -3.94 -0.42
N TRP D 213 -37.90 -3.98 -1.58
CA TRP D 213 -36.84 -4.95 -1.83
C TRP D 213 -35.76 -4.95 -0.74
N SER D 214 -35.26 -3.75 -0.42
N SER D 214 -35.29 -3.76 -0.40
CA SER D 214 -34.25 -3.56 0.62
CA SER D 214 -34.25 -3.59 0.60
C SER D 214 -34.76 -4.05 1.98
C SER D 214 -34.74 -3.96 2.01
N PHE D 215 -36.01 -3.70 2.30
CA PHE D 215 -36.65 -4.22 3.51
C PHE D 215 -36.63 -5.75 3.59
N GLY D 216 -36.96 -6.41 2.48
CA GLY D 216 -36.86 -7.88 2.44
C GLY D 216 -35.49 -8.41 2.83
N VAL D 217 -34.43 -7.76 2.35
CA VAL D 217 -33.05 -8.13 2.70
C VAL D 217 -32.72 -7.85 4.18
N THR D 218 -33.15 -6.68 4.66
CA THR D 218 -33.05 -6.32 6.08
C THR D 218 -33.83 -7.32 6.97
N LEU D 219 -35.00 -7.75 6.53
CA LEU D 219 -35.70 -8.83 7.21
C LEU D 219 -34.86 -10.12 7.30
N HIS D 220 -34.27 -10.53 6.19
CA HIS D 220 -33.38 -11.68 6.21
C HIS D 220 -32.24 -11.47 7.22
N GLU D 221 -31.64 -10.29 7.24
CA GLU D 221 -30.63 -9.92 8.24
C GLU D 221 -31.17 -10.12 9.66
N LEU D 222 -32.35 -9.55 9.93
CA LEU D 222 -32.95 -9.65 11.26
C LEU D 222 -33.16 -11.14 11.63
N LEU D 223 -33.62 -11.94 10.68
CA LEU D 223 -33.89 -13.36 10.96
C LEU D 223 -32.63 -14.20 11.17
N THR D 224 -31.49 -13.77 10.64
CA THR D 224 -30.20 -14.42 10.88
C THR D 224 -29.46 -13.77 12.05
N TYR D 225 -30.11 -12.84 12.76
CA TYR D 225 -29.51 -12.12 13.88
C TYR D 225 -28.23 -11.36 13.51
N CYS D 226 -28.19 -10.84 12.29
CA CYS D 226 -27.05 -10.11 11.77
C CYS D 226 -25.71 -10.86 11.89
N ASP D 227 -25.75 -12.20 11.81
CA ASP D 227 -24.52 -13.00 11.76
C ASP D 227 -23.72 -12.63 10.52
N SER D 228 -22.47 -12.23 10.72
CA SER D 228 -21.60 -11.81 9.62
C SER D 228 -21.45 -12.87 8.52
N ASP D 229 -21.38 -14.14 8.92
CA ASP D 229 -21.25 -15.26 7.97
C ASP D 229 -22.56 -15.67 7.26
N SER D 230 -23.69 -15.10 7.67
CA SER D 230 -24.98 -15.27 6.97
C SER D 230 -25.48 -13.93 6.38
N SER D 231 -24.58 -12.95 6.27
CA SER D 231 -24.94 -11.63 5.75
C SER D 231 -25.34 -11.71 4.28
N PRO D 232 -26.21 -10.79 3.82
CA PRO D 232 -26.57 -10.78 2.39
C PRO D 232 -25.37 -10.81 1.43
N MET D 233 -24.30 -10.10 1.75
CA MET D 233 -23.09 -10.08 0.92
C MET D 233 -22.41 -11.44 0.91
N ALA D 234 -22.13 -11.95 2.10
CA ALA D 234 -21.49 -13.27 2.24
C ALA D 234 -22.28 -14.37 1.55
N LEU D 235 -23.61 -14.35 1.68
CA LEU D 235 -24.43 -15.38 1.04
C LEU D 235 -24.44 -15.22 -0.49
N PHE D 236 -24.67 -13.99 -0.96
CA PHE D 236 -24.68 -13.73 -2.41
C PHE D 236 -23.36 -14.08 -3.07
N LEU D 237 -22.25 -13.70 -2.43
CA LEU D 237 -20.91 -13.98 -2.96
C LEU D 237 -20.66 -15.49 -3.09
N LYS D 238 -21.14 -16.26 -2.12
CA LYS D 238 -21.18 -17.73 -2.21
C LYS D 238 -21.96 -18.21 -3.43
N MET D 239 -23.08 -17.57 -3.72
CA MET D 239 -23.91 -17.96 -4.86
C MET D 239 -23.24 -17.66 -6.21
N ILE D 240 -22.71 -16.44 -6.36
CA ILE D 240 -22.20 -15.97 -7.67
C ILE D 240 -20.67 -16.07 -7.83
N GLY D 241 -19.94 -16.23 -6.73
CA GLY D 241 -18.47 -16.30 -6.75
C GLY D 241 -17.86 -15.05 -6.13
N PRO D 242 -16.84 -15.21 -5.27
CA PRO D 242 -16.28 -14.04 -4.59
C PRO D 242 -15.13 -13.32 -5.31
N THR D 243 -14.72 -13.79 -6.48
CA THR D 243 -13.53 -13.23 -7.16
C THR D 243 -13.81 -12.66 -8.56
N HIS D 244 -14.93 -11.95 -8.72
CA HIS D 244 -15.28 -11.39 -10.02
C HIS D 244 -15.03 -9.92 -10.18
N GLY D 245 -14.51 -9.28 -9.13
CA GLY D 245 -14.15 -7.85 -9.18
C GLY D 245 -15.24 -6.97 -9.75
N GLN D 246 -14.91 -6.25 -10.82
CA GLN D 246 -15.87 -5.33 -11.45
C GLN D 246 -17.01 -6.04 -12.21
N MET D 247 -16.92 -7.36 -12.35
CA MET D 247 -18.01 -8.16 -12.95
C MET D 247 -19.05 -8.61 -11.93
N THR D 248 -18.76 -8.41 -10.65
CA THR D 248 -19.65 -8.84 -9.55
C THR D 248 -21.13 -8.41 -9.73
N VAL D 249 -21.38 -7.13 -9.97
CA VAL D 249 -22.76 -6.63 -10.14
C VAL D 249 -23.51 -7.30 -11.31
N THR D 250 -22.85 -7.44 -12.47
CA THR D 250 -23.50 -8.06 -13.62
C THR D 250 -23.89 -9.50 -13.32
N ARG D 251 -22.99 -10.23 -12.66
CA ARG D 251 -23.29 -11.58 -12.22
C ARG D 251 -24.38 -11.59 -11.14
N LEU D 252 -24.38 -10.56 -10.30
CA LEU D 252 -25.47 -10.39 -9.34
C LEU D 252 -26.79 -10.24 -10.12
N VAL D 253 -26.84 -9.23 -11.01
CA VAL D 253 -28.06 -8.96 -11.79
C VAL D 253 -28.50 -10.21 -12.57
N ASN D 254 -27.52 -10.98 -13.04
CA ASN D 254 -27.81 -12.18 -13.82
C ASN D 254 -28.47 -13.27 -12.97
N THR D 255 -27.90 -13.50 -11.78
CA THR D 255 -28.47 -14.46 -10.82
C THR D 255 -29.90 -14.10 -10.38
N LEU D 256 -30.16 -12.80 -10.20
CA LEU D 256 -31.51 -12.30 -9.85
C LEU D 256 -32.48 -12.49 -11.01
N LYS D 257 -32.00 -12.22 -12.23
CA LYS D 257 -32.78 -12.45 -13.45
C LYS D 257 -33.18 -13.92 -13.61
N GLU D 258 -32.29 -14.82 -13.22
CA GLU D 258 -32.54 -16.27 -13.28
C GLU D 258 -33.57 -16.75 -12.23
N GLY D 259 -33.99 -15.84 -11.35
CA GLY D 259 -34.99 -16.14 -10.33
C GLY D 259 -34.42 -16.59 -8.99
N LYS D 260 -33.09 -16.49 -8.83
CA LYS D 260 -32.43 -16.92 -7.61
C LYS D 260 -32.49 -15.81 -6.55
N ARG D 261 -32.75 -16.22 -5.31
CA ARG D 261 -32.90 -15.31 -4.19
C ARG D 261 -32.17 -15.87 -2.98
N LEU D 262 -32.00 -15.04 -1.95
CA LEU D 262 -31.41 -15.48 -0.68
C LEU D 262 -32.20 -16.66 -0.08
N PRO D 263 -31.49 -17.63 0.52
CA PRO D 263 -32.18 -18.80 1.07
C PRO D 263 -32.97 -18.50 2.35
N CYS D 264 -33.92 -19.36 2.68
CA CYS D 264 -34.65 -19.25 3.95
C CYS D 264 -33.69 -19.36 5.12
N PRO D 265 -33.73 -18.38 6.05
CA PRO D 265 -32.88 -18.46 7.23
C PRO D 265 -33.17 -19.68 8.08
N PRO D 266 -32.17 -20.19 8.80
CA PRO D 266 -32.38 -21.31 9.73
C PRO D 266 -33.50 -21.03 10.73
N ASN D 267 -34.43 -21.96 10.87
CA ASN D 267 -35.54 -21.82 11.82
C ASN D 267 -36.57 -20.74 11.47
N CYS D 268 -36.51 -20.19 10.26
CA CYS D 268 -37.51 -19.21 9.86
C CYS D 268 -38.68 -19.97 9.27
N PRO D 269 -39.90 -19.78 9.82
CA PRO D 269 -41.06 -20.46 9.24
C PRO D 269 -41.28 -20.07 7.78
N ASP D 270 -41.82 -20.99 6.99
CA ASP D 270 -41.97 -20.73 5.55
C ASP D 270 -42.93 -19.59 5.25
N GLU D 271 -43.91 -19.37 6.10
CA GLU D 271 -44.84 -18.27 5.84
C GLU D 271 -44.25 -16.88 6.16
N VAL D 272 -43.25 -16.82 7.05
CA VAL D 272 -42.42 -15.62 7.16
C VAL D 272 -41.56 -15.50 5.90
N TYR D 273 -40.97 -16.61 5.48
CA TYR D 273 -40.14 -16.63 4.27
C TYR D 273 -40.94 -16.25 3.02
N GLN D 274 -42.21 -16.63 2.96
CA GLN D 274 -43.06 -16.26 1.82
C GLN D 274 -43.32 -14.76 1.75
N LEU D 275 -43.51 -14.11 2.89
CA LEU D 275 -43.66 -12.65 2.91
C LEU D 275 -42.38 -11.97 2.40
N MET D 276 -41.24 -12.51 2.79
CA MET D 276 -39.93 -12.02 2.36
C MET D 276 -39.77 -12.08 0.84
N ARG D 277 -40.18 -13.20 0.24
CA ARG D 277 -40.13 -13.37 -1.22
C ARG D 277 -41.03 -12.40 -2.01
N LYS D 278 -42.14 -11.96 -1.45
CA LYS D 278 -42.97 -10.92 -2.11
C LYS D 278 -42.26 -9.55 -2.20
N CYS D 279 -41.26 -9.33 -1.34
CA CYS D 279 -40.40 -8.13 -1.41
C CYS D 279 -39.44 -8.18 -2.60
N TRP D 280 -39.20 -9.40 -3.09
CA TRP D 280 -38.23 -9.68 -4.13
C TRP D 280 -38.79 -10.13 -5.47
N GLU D 281 -40.05 -9.83 -5.76
CA GLU D 281 -40.52 -9.98 -7.13
C GLU D 281 -39.61 -9.14 -8.02
N PHE D 282 -39.34 -9.60 -9.23
CA PHE D 282 -38.41 -8.92 -10.11
C PHE D 282 -38.94 -7.56 -10.57
N GLN D 283 -40.23 -7.49 -10.89
CA GLN D 283 -40.83 -6.23 -11.33
C GLN D 283 -41.31 -5.44 -10.11
N PRO D 284 -40.93 -4.14 -10.03
CA PRO D 284 -41.37 -3.25 -8.94
C PRO D 284 -42.89 -3.28 -8.68
N SER D 285 -43.68 -3.31 -9.76
CA SER D 285 -45.14 -3.26 -9.65
C SER D 285 -45.78 -4.50 -9.01
N ASN D 286 -45.10 -5.65 -9.10
CA ASN D 286 -45.60 -6.90 -8.50
C ASN D 286 -45.22 -7.09 -7.02
N ARG D 287 -44.37 -6.21 -6.49
CA ARG D 287 -43.94 -6.33 -5.09
C ARG D 287 -45.02 -5.94 -4.10
N THR D 288 -45.06 -6.65 -2.99
CA THR D 288 -45.91 -6.30 -1.85
C THR D 288 -45.64 -4.86 -1.44
N SER D 289 -46.60 -4.28 -0.75
CA SER D 289 -46.44 -2.94 -0.17
C SER D 289 -46.12 -3.06 1.31
N PHE D 290 -45.64 -1.96 1.90
CA PHE D 290 -45.40 -1.91 3.35
C PHE D 290 -46.68 -2.09 4.15
N GLN D 291 -47.78 -1.55 3.67
CA GLN D 291 -49.08 -1.78 4.31
C GLN D 291 -49.48 -3.27 4.30
N ASN D 292 -49.26 -3.91 3.15
N ASN D 292 -49.29 -3.91 3.14
CA ASN D 292 -49.52 -5.34 3.00
CA ASN D 292 -49.51 -5.35 3.03
C ASN D 292 -48.60 -6.21 3.86
C ASN D 292 -48.64 -6.14 3.97
N LEU D 293 -47.35 -5.80 3.99
CA LEU D 293 -46.40 -6.48 4.87
C LEU D 293 -46.81 -6.41 6.34
N ILE D 294 -47.18 -5.22 6.79
CA ILE D 294 -47.63 -4.98 8.16
C ILE D 294 -48.82 -5.88 8.52
N GLU D 295 -49.82 -5.91 7.64
CA GLU D 295 -50.96 -6.82 7.79
C GLU D 295 -50.53 -8.30 7.88
N GLY D 296 -49.62 -8.70 7.00
CA GLY D 296 -49.10 -10.07 6.97
C GLY D 296 -48.41 -10.46 8.26
N PHE D 297 -47.54 -9.58 8.75
CA PHE D 297 -46.84 -9.84 10.00
C PHE D 297 -47.83 -9.87 11.17
N GLU D 298 -48.81 -8.96 11.15
CA GLU D 298 -49.80 -8.87 12.21
C GLU D 298 -50.68 -10.12 12.27
N ALA D 299 -51.04 -10.67 11.12
CA ALA D 299 -51.76 -11.95 11.06
C ALA D 299 -50.97 -13.08 11.74
N LEU D 300 -49.66 -13.05 11.60
CA LEU D 300 -48.81 -14.10 12.19
C LEU D 300 -48.62 -13.93 13.70
N LEU D 301 -48.79 -12.69 14.18
CA LEU D 301 -48.61 -12.37 15.60
C LEU D 301 -49.86 -12.62 16.44
N LYS D 302 -51.03 -12.68 15.79
CA LYS D 302 -52.29 -13.05 16.47
C LYS D 302 -53.24 -13.77 15.52
#